data_3OAZ
#
_entry.id   3OAZ
#
_cell.length_a   72.623
_cell.length_b   72.092
_cell.length_c   84.074
_cell.angle_alpha   90.00
_cell.angle_beta   95.78
_cell.angle_gamma   90.00
#
_symmetry.space_group_name_H-M   'P 1 21 1'
#
loop_
_entity.id
_entity.type
_entity.pdbx_description
1 polymer 'Fab 2G12, heavy chain'
2 polymer 'Fab 2G12, light chain'
3 non-polymer GLYCEROL
4 non-polymer 'CHLORIDE ION'
5 non-polymer 'methyl 7-deoxy-L-glycero-alpha-D-manno-heptopyranoside'
6 water water
#
loop_
_entity_poly.entity_id
_entity_poly.type
_entity_poly.pdbx_seq_one_letter_code
_entity_poly.pdbx_strand_id
1 'polypeptide(L)'
;EVQLVESGGGLVKAGGSLILSCGVSNFRISAHTMNWVRRVPGGGLEWVASISTSSTYRDYADAVKGRFTVSRDDLEDFVY
LQMHKMRVEDTAIYYCARKGSDRLSDNDPFDAWGPGTVVTVSPASTKGPSVFPLAPSSKSTSGGTAALGCLVKDYFPEPV
TVSWNSGALTSGVHTFPAVLQSSGLYSLSSVVTVPSSSLGTQTYICNVNHKPSNTKVDKKVEP
;
H,M
2 'polypeptide(L)'
;AVVMTQSPSTLSASVGDTITITCRASQSIETWLAWYQQKPGKAPKLLIYKASTLKTGVPSRFSGSGSGTEFTLTISGLQF
DDFATYHCQHYAGYSATFGQGTRVEIKRTVAAPSVFIFPPSDEQLKSGTASVVCLLNNFYPREAKVQWKVDNALQSGNSQ
ESVTEQDSKDSTYSLSSTLTLSKADYEKHKVYACEVTHQGLSSPVTKSFNRGE
;
K,L
#
# COMPACT_ATOMS: atom_id res chain seq x y z
N GLU A 1 -1.84 21.75 23.29
CA GLU A 1 -1.14 22.74 22.41
C GLU A 1 -0.05 22.07 21.57
N VAL A 2 0.90 21.39 22.21
CA VAL A 2 1.89 20.58 21.49
CA VAL A 2 1.88 20.60 21.44
C VAL A 2 1.15 19.46 20.75
N GLN A 3 1.55 19.17 19.51
CA GLN A 3 0.96 18.08 18.74
C GLN A 3 2.07 17.36 17.98
N LEU A 4 1.85 16.09 17.70
CA LEU A 4 2.73 15.32 16.80
C LEU A 4 1.79 14.63 15.84
N VAL A 5 2.27 14.32 14.64
CA VAL A 5 1.46 13.63 13.66
CA VAL A 5 1.46 13.71 13.59
C VAL A 5 2.34 12.74 12.80
N GLU A 6 1.97 11.47 12.78
CA GLU A 6 2.66 10.46 11.97
C GLU A 6 2.09 10.41 10.56
N SER A 7 2.97 10.20 9.58
CA SER A 7 2.54 10.01 8.21
CA SER A 7 2.56 10.02 8.19
C SER A 7 3.18 8.76 7.64
N GLY A 8 2.52 8.14 6.66
CA GLY A 8 2.98 6.85 6.17
C GLY A 8 2.16 5.82 6.92
N GLY A 9 2.15 4.59 6.44
CA GLY A 9 1.27 3.59 7.07
C GLY A 9 0.57 2.73 6.03
N GLY A 10 -0.33 1.87 6.47
CA GLY A 10 -1.06 1.08 5.52
C GLY A 10 -0.45 -0.31 5.41
N LEU A 11 -0.74 -0.95 4.28
CA LEU A 11 -0.44 -2.35 4.10
CA LEU A 11 -0.45 -2.35 4.02
C LEU A 11 0.91 -2.57 3.40
N VAL A 12 1.64 -3.56 3.92
CA VAL A 12 2.94 -3.95 3.40
C VAL A 12 2.90 -5.46 3.33
N LYS A 13 3.41 -6.05 2.26
CA LYS A 13 3.52 -7.50 2.18
C LYS A 13 4.76 -7.93 2.98
N ALA A 14 4.74 -9.11 3.62
CA ALA A 14 5.91 -9.59 4.37
C ALA A 14 7.19 -9.48 3.53
N GLY A 15 8.26 -9.01 4.15
CA GLY A 15 9.54 -8.83 3.46
C GLY A 15 9.71 -7.44 2.87
N GLY A 16 8.61 -6.66 2.82
CA GLY A 16 8.60 -5.33 2.21
C GLY A 16 9.16 -4.23 3.11
N SER A 17 9.20 -3.01 2.60
CA SER A 17 9.65 -1.86 3.35
C SER A 17 8.56 -0.79 3.42
N LEU A 18 8.62 0.02 4.46
CA LEU A 18 7.69 1.15 4.65
C LEU A 18 8.44 2.20 5.46
N ILE A 19 8.29 3.47 5.10
CA ILE A 19 8.95 4.55 5.83
C ILE A 19 7.88 5.44 6.43
N LEU A 20 8.01 5.71 7.73
CA LEU A 20 7.13 6.65 8.41
C LEU A 20 7.84 7.96 8.72
N SER A 21 7.06 9.03 8.79
CA SER A 21 7.57 10.30 9.26
CA SER A 21 7.56 10.31 9.24
C SER A 21 6.71 10.84 10.39
N CYS A 22 7.31 11.74 11.17
CA CYS A 22 6.64 12.40 12.29
C CYS A 22 6.91 13.88 12.16
N GLY A 23 5.84 14.67 12.14
CA GLY A 23 5.98 16.12 12.23
C GLY A 23 5.31 16.62 13.50
N VAL A 24 5.58 17.88 13.86
CA VAL A 24 5.20 18.41 15.16
C VAL A 24 4.65 19.83 15.05
N SER A 25 4.02 20.29 16.12
CA SER A 25 3.51 21.66 16.19
CA SER A 25 3.59 21.68 16.18
C SER A 25 3.77 22.23 17.57
N ASN A 26 4.16 23.51 17.61
CA ASN A 26 4.31 24.29 18.84
C ASN A 26 5.44 23.87 19.77
N PHE A 27 6.40 23.12 19.24
CA PHE A 27 7.69 22.91 19.91
C PHE A 27 8.74 22.50 18.88
N ARG A 28 10.00 22.61 19.28
CA ARG A 28 11.10 22.21 18.42
C ARG A 28 11.62 20.89 18.94
N ILE A 29 11.84 19.96 18.03
CA ILE A 29 12.31 18.64 18.49
C ILE A 29 13.77 18.63 18.98
N SER A 30 14.56 19.67 18.63
CA SER A 30 16.00 19.64 18.84
C SER A 30 16.42 19.36 20.28
N ALA A 31 15.62 19.84 21.23
CA ALA A 31 15.83 19.65 22.65
C ALA A 31 15.50 18.23 23.19
N HIS A 32 14.78 17.43 22.40
CA HIS A 32 14.16 16.21 22.90
C HIS A 32 14.73 14.94 22.29
N THR A 33 14.87 13.90 23.10
CA THR A 33 15.03 12.53 22.58
C THR A 33 13.66 12.17 21.99
N MET A 34 13.63 11.61 20.79
CA MET A 34 12.33 11.29 20.13
C MET A 34 12.21 9.78 20.03
N ASN A 35 10.99 9.26 20.07
CA ASN A 35 10.81 7.81 20.11
C ASN A 35 9.73 7.36 19.17
N TRP A 36 9.83 6.11 18.77
CA TRP A 36 8.72 5.42 18.09
C TRP A 36 8.24 4.33 19.05
N VAL A 37 6.92 4.22 19.19
CA VAL A 37 6.32 3.20 20.03
C VAL A 37 5.22 2.60 19.18
N ARG A 38 4.92 1.32 19.38
CA ARG A 38 3.78 0.71 18.69
C ARG A 38 2.81 -0.03 19.60
N ARG A 39 1.53 0.01 19.23
CA ARG A 39 0.52 -0.76 19.96
C ARG A 39 0.10 -1.96 19.12
N VAL A 40 0.40 -3.16 19.61
CA VAL A 40 0.12 -4.38 18.87
C VAL A 40 -1.37 -4.76 19.03
N PRO A 41 -1.88 -5.67 18.18
CA PRO A 41 -3.32 -5.99 18.24
C PRO A 41 -3.82 -6.54 19.60
N GLY A 42 -2.95 -7.21 20.37
CA GLY A 42 -3.33 -7.71 21.71
C GLY A 42 -3.48 -6.61 22.77
N GLY A 43 -3.08 -5.40 22.42
CA GLY A 43 -3.36 -4.21 23.23
C GLY A 43 -2.20 -3.59 23.98
N GLY A 44 -1.07 -4.28 24.02
CA GLY A 44 0.10 -3.78 24.75
C GLY A 44 0.92 -2.84 23.89
N LEU A 45 1.72 -2.01 24.56
CA LEU A 45 2.64 -1.10 23.88
C LEU A 45 4.04 -1.69 23.88
N GLU A 46 4.77 -1.41 22.80
CA GLU A 46 6.13 -1.87 22.61
C GLU A 46 6.96 -0.69 22.17
N TRP A 47 8.00 -0.39 22.93
CA TRP A 47 8.98 0.57 22.50
C TRP A 47 9.72 0.03 21.27
N VAL A 48 9.87 0.87 20.25
CA VAL A 48 10.49 0.50 18.96
C VAL A 48 11.89 1.07 18.80
N ALA A 49 12.01 2.39 18.94
CA ALA A 49 13.31 3.03 18.69
C ALA A 49 13.40 4.36 19.40
N SER A 50 14.62 4.77 19.73
CA SER A 50 14.87 6.03 20.37
C SER A 50 15.98 6.76 19.58
N ILE A 51 15.87 8.08 19.42
CA ILE A 51 16.97 8.89 18.84
C ILE A 51 17.29 10.13 19.69
N SER A 52 18.53 10.23 20.15
CA SER A 52 18.92 11.27 21.10
C SER A 52 19.11 12.59 20.38
N THR A 53 19.30 13.68 21.12
CA THR A 53 19.62 14.96 20.51
C THR A 53 20.92 14.83 19.69
N SER A 54 20.99 15.58 18.58
CA SER A 54 22.12 15.51 17.64
C SER A 54 22.36 14.10 17.08
N SER A 55 21.39 13.21 17.26
CA SER A 55 21.48 11.85 16.74
C SER A 55 22.68 11.03 17.29
N THR A 56 23.24 11.41 18.42
CA THR A 56 24.44 10.76 18.96
CA THR A 56 24.45 10.72 18.89
C THR A 56 24.19 9.27 19.30
N TYR A 57 22.99 8.97 19.78
CA TYR A 57 22.64 7.61 20.13
C TYR A 57 21.33 7.24 19.50
N ARG A 58 21.35 6.12 18.78
CA ARG A 58 20.13 5.51 18.25
C ARG A 58 20.00 4.12 18.85
N ASP A 59 18.82 3.83 19.41
CA ASP A 59 18.64 2.55 20.08
C ASP A 59 17.36 1.92 19.61
N TYR A 60 17.31 0.60 19.59
CA TYR A 60 16.22 -0.16 18.94
C TYR A 60 15.80 -1.35 19.80
N ALA A 61 14.50 -1.69 19.78
CA ALA A 61 14.06 -2.96 20.37
C ALA A 61 14.80 -4.12 19.70
N ASP A 62 15.08 -5.18 20.47
CA ASP A 62 15.75 -6.36 19.92
C ASP A 62 15.05 -6.88 18.66
N ALA A 63 13.72 -6.86 18.69
CA ALA A 63 12.88 -7.43 17.61
C ALA A 63 13.05 -6.70 16.26
N VAL A 64 13.59 -5.48 16.28
CA VAL A 64 13.63 -4.70 15.05
C VAL A 64 15.05 -4.30 14.67
N LYS A 65 15.98 -4.59 15.57
CA LYS A 65 17.39 -4.22 15.36
C LYS A 65 17.90 -4.79 14.04
N GLY A 66 18.57 -3.95 13.26
CA GLY A 66 19.11 -4.37 11.97
C GLY A 66 18.13 -4.25 10.80
N ARG A 67 16.86 -4.04 11.13
CA ARG A 67 15.78 -3.92 10.12
C ARG A 67 15.18 -2.50 10.07
N PHE A 68 15.21 -1.81 11.20
CA PHE A 68 14.64 -0.46 11.35
C PHE A 68 15.76 0.57 11.53
N THR A 69 15.53 1.78 11.00
CA THR A 69 16.43 2.91 11.19
CA THR A 69 16.41 2.91 11.24
C THR A 69 15.60 4.13 11.62
N VAL A 70 16.04 4.82 12.66
CA VAL A 70 15.44 6.09 13.06
C VAL A 70 16.40 7.22 12.67
N SER A 71 15.85 8.30 12.10
CA SER A 71 16.60 9.51 11.77
C SER A 71 15.80 10.73 12.23
N ARG A 72 16.47 11.86 12.35
CA ARG A 72 15.80 13.09 12.72
C ARG A 72 16.28 14.28 11.88
N ASP A 73 15.44 15.29 11.77
CA ASP A 73 15.74 16.49 11.02
C ASP A 73 15.38 17.64 11.98
N ASP A 74 16.38 18.19 12.65
CA ASP A 74 16.14 19.21 13.67
C ASP A 74 15.82 20.59 13.12
N LEU A 75 16.28 20.88 11.91
CA LEU A 75 16.08 22.19 11.30
C LEU A 75 14.62 22.38 10.87
N GLU A 76 14.02 21.31 10.39
CA GLU A 76 12.63 21.34 9.97
C GLU A 76 11.67 20.52 10.83
N ASP A 77 12.20 19.89 11.88
CA ASP A 77 11.42 19.20 12.92
C ASP A 77 10.66 17.97 12.45
N PHE A 78 11.39 17.00 11.92
CA PHE A 78 10.82 15.73 11.51
C PHE A 78 11.63 14.60 12.12
N VAL A 79 10.97 13.48 12.39
CA VAL A 79 11.61 12.22 12.76
C VAL A 79 11.12 11.18 11.73
N TYR A 80 11.99 10.21 11.39
CA TYR A 80 11.72 9.21 10.37
C TYR A 80 11.95 7.86 11.01
N LEU A 81 11.17 6.88 10.56
CA LEU A 81 11.40 5.47 10.86
C LEU A 81 11.34 4.67 9.56
N GLN A 82 12.50 4.16 9.15
CA GLN A 82 12.57 3.21 8.04
C GLN A 82 12.34 1.81 8.59
N MET A 83 11.42 1.06 7.98
CA MET A 83 11.20 -0.32 8.39
C MET A 83 11.39 -1.25 7.18
N HIS A 84 12.29 -2.20 7.32
CA HIS A 84 12.62 -3.07 6.20
C HIS A 84 12.42 -4.49 6.64
N LYS A 85 12.33 -5.38 5.65
CA LYS A 85 12.21 -6.83 5.86
C LYS A 85 11.06 -7.07 6.87
N MET A 86 9.94 -6.40 6.62
CA MET A 86 8.85 -6.36 7.58
C MET A 86 8.22 -7.73 7.81
N ARG A 87 7.74 -7.95 9.03
CA ARG A 87 7.25 -9.23 9.49
C ARG A 87 5.82 -9.03 9.96
N VAL A 88 5.04 -10.11 10.00
CA VAL A 88 3.66 -10.02 10.49
CA VAL A 88 3.66 -10.01 10.49
C VAL A 88 3.59 -9.37 11.87
N GLU A 89 4.52 -9.76 12.75
CA GLU A 89 4.51 -9.21 14.10
C GLU A 89 4.79 -7.70 14.20
N ASP A 90 5.27 -7.10 13.11
CA ASP A 90 5.37 -5.62 13.01
C ASP A 90 4.02 -4.91 12.87
N THR A 91 2.94 -5.67 12.64
CA THR A 91 1.58 -5.12 12.52
C THR A 91 1.18 -4.42 13.82
N ALA A 92 0.88 -3.12 13.73
CA ALA A 92 0.62 -2.35 14.93
C ALA A 92 0.19 -0.95 14.55
N ILE A 93 -0.29 -0.20 15.56
CA ILE A 93 -0.42 1.24 15.43
C ILE A 93 0.91 1.85 15.87
N TYR A 94 1.49 2.72 15.04
CA TYR A 94 2.81 3.35 15.35
C TYR A 94 2.63 4.80 15.74
N TYR A 95 3.22 5.17 16.89
CA TYR A 95 3.13 6.51 17.43
C TYR A 95 4.53 7.09 17.48
N CYS A 96 4.65 8.37 17.15
CA CYS A 96 5.87 9.05 17.57
C CYS A 96 5.58 9.75 18.91
N ALA A 97 6.60 9.78 19.76
CA ALA A 97 6.44 10.18 21.13
C ALA A 97 7.65 10.95 21.56
N ARG A 98 7.43 12.03 22.29
CA ARG A 98 8.49 12.85 22.78
C ARG A 98 8.82 12.41 24.19
N LYS A 99 10.11 12.34 24.48
CA LYS A 99 10.56 12.19 25.85
C LYS A 99 10.73 13.61 26.39
N GLY A 100 10.07 13.89 27.52
CA GLY A 100 10.05 15.24 28.04
C GLY A 100 9.23 15.32 29.31
N SER A 101 9.31 16.48 29.93
CA SER A 101 8.60 16.77 31.16
CA SER A 101 8.60 16.79 31.15
C SER A 101 8.55 18.30 31.23
N ASP A 102 7.83 18.85 32.20
CA ASP A 102 7.70 20.32 32.34
CA ASP A 102 7.69 20.30 32.31
C ASP A 102 9.06 21.00 32.48
N ARG A 103 9.97 20.37 33.22
CA ARG A 103 11.35 20.82 33.29
C ARG A 103 12.23 19.64 32.86
N LEU A 104 13.01 19.81 31.80
CA LEU A 104 13.79 18.70 31.23
C LEU A 104 14.83 18.16 32.19
N SER A 105 14.98 16.83 32.21
CA SER A 105 15.97 16.14 33.04
C SER A 105 16.69 15.07 32.22
N ASP A 106 17.63 14.37 32.85
CA ASP A 106 18.37 13.27 32.23
C ASP A 106 17.51 12.04 31.89
N ASN A 107 16.30 11.95 32.44
CA ASN A 107 15.42 10.80 32.20
C ASN A 107 13.93 11.15 32.47
N ASP A 108 13.24 11.56 31.43
CA ASP A 108 11.83 11.93 31.51
C ASP A 108 10.91 10.88 30.85
N PRO A 109 9.62 10.92 31.18
CA PRO A 109 8.67 10.00 30.53
C PRO A 109 8.31 10.48 29.13
N PHE A 110 7.32 9.84 28.49
CA PHE A 110 6.91 10.27 27.18
C PHE A 110 5.69 11.18 27.39
N ASP A 111 5.92 12.49 27.34
CA ASP A 111 4.88 13.45 27.71
C ASP A 111 3.92 13.83 26.59
N ALA A 112 4.31 13.55 25.36
CA ALA A 112 3.49 13.92 24.20
C ALA A 112 3.53 12.87 23.12
N TRP A 113 2.37 12.54 22.54
CA TRP A 113 2.24 11.43 21.61
C TRP A 113 1.40 11.86 20.40
N GLY A 114 1.77 11.36 19.22
CA GLY A 114 0.94 11.48 18.05
C GLY A 114 -0.26 10.55 18.16
N PRO A 115 -1.27 10.74 17.30
CA PRO A 115 -2.51 9.94 17.34
C PRO A 115 -2.30 8.48 16.86
N GLY A 116 -1.21 8.23 16.15
CA GLY A 116 -0.88 6.88 15.64
C GLY A 116 -1.17 6.68 14.16
N THR A 117 -0.37 5.86 13.51
CA THR A 117 -0.68 5.46 12.12
C THR A 117 -0.69 3.93 12.03
N VAL A 118 -1.71 3.37 11.39
CA VAL A 118 -1.85 1.91 11.34
C VAL A 118 -0.91 1.31 10.28
N VAL A 119 -0.17 0.28 10.67
CA VAL A 119 0.73 -0.44 9.75
C VAL A 119 0.34 -1.90 9.83
N THR A 120 0.06 -2.50 8.69
CA THR A 120 -0.41 -3.87 8.61
C THR A 120 0.58 -4.60 7.71
N VAL A 121 1.15 -5.71 8.19
CA VAL A 121 2.01 -6.56 7.38
C VAL A 121 1.29 -7.87 7.09
N SER A 122 0.95 -8.06 5.82
CA SER A 122 0.28 -9.30 5.40
CA SER A 122 0.29 -9.29 5.38
C SER A 122 1.28 -10.45 5.34
N PRO A 123 0.83 -11.66 5.75
CA PRO A 123 1.77 -12.79 5.85
C PRO A 123 2.36 -13.27 4.54
N ALA A 124 1.65 -13.06 3.44
CA ALA A 124 2.08 -13.53 2.12
C ALA A 124 3.12 -12.61 1.48
N SER A 125 4.36 -13.07 1.36
CA SER A 125 5.39 -12.28 0.68
C SER A 125 5.25 -12.42 -0.86
N THR A 126 4.61 -13.52 -1.27
CA THR A 126 4.38 -13.79 -2.68
C THR A 126 2.98 -14.34 -2.94
N LYS A 127 2.58 -14.23 -4.21
CA LYS A 127 1.27 -14.71 -4.66
CA LYS A 127 1.28 -14.72 -4.67
C LYS A 127 1.40 -15.13 -6.14
N GLY A 128 1.19 -16.41 -6.41
CA GLY A 128 1.20 -16.95 -7.78
C GLY A 128 0.04 -16.47 -8.63
N PRO A 129 0.23 -16.41 -9.96
CA PRO A 129 -0.76 -15.84 -10.86
C PRO A 129 -1.95 -16.73 -11.11
N SER A 130 -3.06 -16.11 -11.44
CA SER A 130 -4.15 -16.84 -12.06
C SER A 130 -4.02 -16.67 -13.57
N VAL A 131 -4.19 -17.77 -14.30
CA VAL A 131 -3.98 -17.77 -15.76
C VAL A 131 -5.27 -18.06 -16.51
N PHE A 132 -5.66 -17.14 -17.38
CA PHE A 132 -6.92 -17.25 -18.13
C PHE A 132 -6.65 -17.25 -19.63
N PRO A 133 -7.42 -18.03 -20.39
CA PRO A 133 -7.19 -17.98 -21.83
C PRO A 133 -7.72 -16.69 -22.49
N LEU A 134 -7.02 -16.23 -23.52
CA LEU A 134 -7.53 -15.25 -24.47
C LEU A 134 -7.85 -16.04 -25.74
N ALA A 135 -9.10 -16.45 -25.86
CA ALA A 135 -9.47 -17.48 -26.83
C ALA A 135 -9.56 -16.92 -28.24
N PRO A 136 -9.03 -17.64 -29.23
CA PRO A 136 -9.20 -17.13 -30.58
C PRO A 136 -10.65 -17.28 -31.07
N SER A 137 -11.13 -16.28 -31.79
CA SER A 137 -12.46 -16.27 -32.42
C SER A 137 -12.46 -15.42 -33.68
N SER A 138 -13.63 -15.30 -34.31
CA SER A 138 -13.77 -14.40 -35.43
C SER A 138 -13.48 -12.93 -35.02
N LYS A 139 -13.54 -12.64 -33.73
CA LYS A 139 -13.29 -11.27 -33.23
C LYS A 139 -11.81 -11.04 -32.94
N SER A 140 -11.07 -12.13 -32.93
CA SER A 140 -9.59 -12.03 -32.83
C SER A 140 -8.99 -12.71 -34.07
N THR A 141 -9.63 -12.20 -35.42
CA THR A 141 -9.10 -12.54 -36.73
CA THR A 141 -8.99 -12.51 -36.68
C THR A 141 -8.88 -11.21 -37.43
N SER A 142 -7.78 -11.10 -38.18
CA SER A 142 -7.53 -9.94 -38.99
C SER A 142 -6.82 -10.44 -40.23
N GLY A 143 -7.45 -10.31 -41.40
CA GLY A 143 -6.88 -10.92 -42.62
C GLY A 143 -6.88 -12.43 -42.46
N GLY A 144 -5.76 -13.09 -42.80
CA GLY A 144 -5.60 -14.52 -42.61
C GLY A 144 -4.93 -14.85 -41.27
N THR A 145 -4.95 -13.91 -40.33
CA THR A 145 -4.24 -14.13 -39.06
C THR A 145 -5.17 -14.18 -37.87
N ALA A 146 -4.93 -15.13 -36.96
CA ALA A 146 -5.66 -15.19 -35.70
C ALA A 146 -4.74 -14.83 -34.54
N ALA A 147 -5.30 -14.20 -33.51
CA ALA A 147 -4.54 -13.93 -32.28
C ALA A 147 -5.16 -14.76 -31.15
N LEU A 148 -4.31 -15.22 -30.24
CA LEU A 148 -4.74 -15.88 -29.00
C LEU A 148 -3.74 -15.55 -27.93
N GLY A 149 -4.04 -15.91 -26.69
CA GLY A 149 -3.09 -15.61 -25.64
C GLY A 149 -3.50 -16.12 -24.29
N CYS A 150 -2.76 -15.67 -23.29
CA CYS A 150 -3.05 -15.95 -21.89
C CYS A 150 -2.99 -14.66 -21.11
N LEU A 151 -4.00 -14.43 -20.26
CA LEU A 151 -4.01 -13.30 -19.34
C LEU A 151 -3.44 -13.82 -18.01
N VAL A 152 -2.36 -13.23 -17.54
CA VAL A 152 -1.66 -13.72 -16.36
C VAL A 152 -1.89 -12.69 -15.24
N LYS A 153 -2.80 -13.01 -14.33
CA LYS A 153 -3.41 -12.00 -13.49
C LYS A 153 -3.11 -12.21 -12.00
N ASP A 154 -2.94 -11.09 -11.31
CA ASP A 154 -2.96 -11.02 -9.86
C ASP A 154 -1.80 -11.76 -9.19
N TYR A 155 -0.58 -11.45 -9.60
CA TYR A 155 0.60 -12.05 -8.97
C TYR A 155 1.46 -11.00 -8.31
N PHE A 156 2.36 -11.46 -7.44
CA PHE A 156 3.25 -10.57 -6.70
C PHE A 156 4.41 -11.36 -6.14
N PRO A 157 5.63 -10.81 -6.22
CA PRO A 157 6.05 -9.64 -6.97
C PRO A 157 6.36 -10.04 -8.43
N GLU A 158 6.92 -9.12 -9.20
CA GLU A 158 7.47 -9.49 -10.52
C GLU A 158 8.71 -10.36 -10.30
N PRO A 159 9.11 -11.16 -11.31
CA PRO A 159 8.46 -11.27 -12.64
C PRO A 159 7.73 -12.61 -12.82
N VAL A 160 6.92 -12.70 -13.88
CA VAL A 160 6.54 -14.01 -14.41
C VAL A 160 7.25 -14.14 -15.74
N THR A 161 7.51 -15.38 -16.13
CA THR A 161 7.95 -15.69 -17.48
CA THR A 161 7.92 -15.65 -17.51
C THR A 161 6.84 -16.47 -18.18
N VAL A 162 6.70 -16.25 -19.49
CA VAL A 162 5.72 -16.97 -20.27
C VAL A 162 6.38 -17.52 -21.54
N SER A 163 6.27 -18.98 -21.73
CA SER A 163 6.63 -19.55 -23.03
C SER A 163 5.36 -20.12 -23.66
N TRP A 164 5.49 -20.50 -24.93
CA TRP A 164 4.38 -21.14 -25.64
C TRP A 164 4.82 -22.50 -26.17
N ASN A 165 3.88 -23.64 -25.82
CA ASN A 165 4.20 -25.00 -26.26
C ASN A 165 5.60 -25.44 -25.83
N SER A 166 5.97 -25.13 -24.59
CA SER A 166 7.22 -25.54 -24.00
C SER A 166 8.43 -25.02 -24.81
N GLY A 167 8.30 -23.81 -25.37
CA GLY A 167 9.40 -23.22 -26.11
C GLY A 167 9.44 -23.47 -27.60
N ALA A 168 8.57 -24.37 -28.10
CA ALA A 168 8.51 -24.70 -29.53
C ALA A 168 7.84 -23.57 -30.33
N LEU A 169 7.06 -22.74 -29.67
CA LEU A 169 6.40 -21.61 -30.37
C LEU A 169 6.95 -20.28 -29.88
N THR A 170 7.67 -19.59 -30.74
CA THR A 170 8.30 -18.34 -30.34
C THR A 170 7.95 -17.26 -31.33
N SER A 171 7.81 -17.61 -32.61
CA SER A 171 7.45 -16.61 -33.64
C SER A 171 6.07 -16.00 -33.37
N GLY A 172 5.96 -14.67 -33.52
CA GLY A 172 4.67 -13.98 -33.38
C GLY A 172 4.18 -13.90 -31.94
N VAL A 173 5.25 -14.13 -30.83
CA VAL A 173 4.83 -14.04 -29.42
C VAL A 173 5.16 -12.64 -28.98
N HIS A 174 4.18 -11.96 -28.38
CA HIS A 174 4.48 -10.77 -27.58
C HIS A 174 4.02 -10.95 -26.10
N THR A 175 4.95 -10.82 -25.17
CA THR A 175 4.63 -10.83 -23.75
C THR A 175 4.80 -9.41 -23.26
N PHE A 176 3.68 -8.79 -22.92
CA PHE A 176 3.67 -7.39 -22.56
C PHE A 176 4.31 -7.12 -21.20
N PRO A 177 4.83 -5.89 -21.01
CA PRO A 177 5.28 -5.45 -19.70
C PRO A 177 4.12 -5.56 -18.70
N ALA A 178 4.46 -5.97 -17.48
CA ALA A 178 3.44 -6.05 -16.45
C ALA A 178 2.92 -4.66 -16.09
N VAL A 179 1.66 -4.62 -15.67
CA VAL A 179 1.08 -3.41 -15.10
CA VAL A 179 1.11 -3.40 -15.07
C VAL A 179 0.76 -3.64 -13.63
N LEU A 180 0.99 -2.62 -12.79
CA LEU A 180 0.58 -2.67 -11.39
C LEU A 180 -0.88 -2.21 -11.32
N GLN A 181 -1.70 -3.10 -10.82
CA GLN A 181 -3.11 -2.85 -10.64
C GLN A 181 -3.33 -2.10 -9.32
N SER A 182 -4.46 -1.42 -9.21
CA SER A 182 -4.74 -0.68 -8.00
C SER A 182 -4.82 -1.58 -6.77
N SER A 183 -5.03 -2.88 -7.01
CA SER A 183 -4.99 -3.87 -5.97
C SER A 183 -3.63 -4.12 -5.39
N GLY A 184 -2.58 -3.61 -5.99
CA GLY A 184 -1.26 -3.92 -5.52
C GLY A 184 -0.63 -5.16 -6.13
N LEU A 185 -1.35 -5.78 -7.02
CA LEU A 185 -0.87 -6.98 -7.71
C LEU A 185 -0.59 -6.70 -9.18
N TYR A 186 0.25 -7.53 -9.79
CA TYR A 186 0.63 -7.32 -11.19
C TYR A 186 -0.27 -8.13 -12.12
N SER A 187 -0.37 -7.68 -13.37
CA SER A 187 -1.02 -8.44 -14.42
C SER A 187 -0.32 -8.16 -15.76
N LEU A 188 -0.31 -9.16 -16.63
CA LEU A 188 0.14 -8.98 -18.03
C LEU A 188 -0.57 -10.01 -18.91
N SER A 189 -0.55 -9.77 -20.22
CA SER A 189 -0.98 -10.75 -21.18
C SER A 189 0.20 -11.12 -22.06
N SER A 190 0.22 -12.40 -22.47
CA SER A 190 1.14 -12.87 -23.49
C SER A 190 0.24 -13.27 -24.66
N VAL A 191 0.54 -12.76 -25.85
CA VAL A 191 -0.28 -13.08 -27.04
C VAL A 191 0.59 -13.73 -28.10
N VAL A 192 -0.03 -14.44 -29.02
CA VAL A 192 0.72 -14.95 -30.18
C VAL A 192 -0.22 -14.86 -31.39
N THR A 193 0.31 -14.52 -32.55
CA THR A 193 -0.49 -14.56 -33.76
C THR A 193 -0.05 -15.79 -34.55
N VAL A 194 -1.03 -16.45 -35.18
CA VAL A 194 -0.78 -17.59 -36.02
C VAL A 194 -1.71 -17.49 -37.24
N PRO A 195 -1.39 -18.21 -38.34
CA PRO A 195 -2.36 -18.25 -39.43
C PRO A 195 -3.69 -18.81 -38.95
N SER A 196 -4.79 -18.20 -39.39
CA SER A 196 -6.12 -18.66 -39.02
C SER A 196 -6.28 -20.14 -39.35
N SER A 197 -5.65 -20.57 -40.45
CA SER A 197 -5.64 -21.98 -40.88
C SER A 197 -4.97 -22.98 -39.93
N SER A 198 -4.12 -22.49 -39.02
CA SER A 198 -3.48 -23.42 -38.10
C SER A 198 -4.36 -23.73 -36.87
N LEU A 199 -5.41 -22.95 -36.65
CA LEU A 199 -6.34 -23.22 -35.53
C LEU A 199 -7.01 -24.56 -35.77
N GLY A 200 -7.04 -25.40 -34.75
CA GLY A 200 -7.61 -26.71 -34.92
C GLY A 200 -6.68 -27.77 -35.40
N THR A 201 -5.47 -27.42 -35.79
CA THR A 201 -4.46 -28.30 -36.40
CA THR A 201 -4.52 -28.38 -36.37
C THR A 201 -3.53 -28.55 -35.30
N GLN A 202 -3.38 -27.67 -34.30
CA GLN A 202 -2.61 -27.99 -33.12
C GLN A 202 -3.11 -27.35 -31.85
N THR A 203 -2.59 -27.77 -30.71
CA THR A 203 -2.74 -27.11 -29.41
CA THR A 203 -2.74 -27.07 -29.48
C THR A 203 -1.76 -25.98 -29.22
N TYR A 204 -2.31 -25.06 -28.45
CA TYR A 204 -1.58 -23.93 -27.93
C TYR A 204 -1.66 -23.93 -26.38
N ILE A 205 -0.52 -23.98 -25.72
CA ILE A 205 -0.44 -24.00 -24.28
C ILE A 205 0.52 -22.90 -23.89
N CYS A 206 0.08 -21.99 -23.00
CA CYS A 206 1.07 -21.08 -22.42
C CYS A 206 1.61 -21.70 -21.14
N ASN A 207 2.92 -21.59 -20.96
CA ASN A 207 3.61 -22.12 -19.80
C ASN A 207 4.06 -20.91 -19.01
N VAL A 208 3.40 -20.70 -17.88
CA VAL A 208 3.67 -19.55 -17.02
C VAL A 208 4.51 -19.99 -15.83
N ASN A 209 5.60 -19.27 -15.56
CA ASN A 209 6.45 -19.57 -14.40
C ASN A 209 6.57 -18.31 -13.54
N HIS A 210 6.23 -18.46 -12.25
CA HIS A 210 6.39 -17.40 -11.27
C HIS A 210 7.42 -17.86 -10.23
N LYS A 211 8.70 -17.63 -10.52
CA LYS A 211 9.78 -18.05 -9.63
C LYS A 211 9.57 -17.63 -8.17
N PRO A 212 9.18 -16.36 -7.94
CA PRO A 212 9.09 -15.94 -6.54
C PRO A 212 8.18 -16.80 -5.65
N SER A 213 7.08 -17.32 -6.20
CA SER A 213 6.17 -18.17 -5.42
C SER A 213 6.38 -19.66 -5.74
N ASN A 214 7.36 -19.96 -6.60
CA ASN A 214 7.59 -21.35 -7.06
CA ASN A 214 7.59 -21.34 -7.06
C ASN A 214 6.30 -21.94 -7.63
N THR A 215 5.63 -21.15 -8.46
CA THR A 215 4.39 -21.54 -9.09
C THR A 215 4.57 -21.66 -10.60
N LYS A 216 4.17 -22.80 -11.14
CA LYS A 216 4.14 -23.01 -12.58
C LYS A 216 2.73 -23.37 -12.99
N VAL A 217 2.23 -22.74 -14.04
CA VAL A 217 0.89 -22.99 -14.57
CA VAL A 217 0.92 -23.07 -14.56
C VAL A 217 0.98 -23.22 -16.08
N ASP A 218 0.37 -24.30 -16.57
CA ASP A 218 0.25 -24.50 -18.01
C ASP A 218 -1.23 -24.31 -18.36
N LYS A 219 -1.54 -23.48 -19.32
CA LYS A 219 -2.91 -23.26 -19.70
C LYS A 219 -3.16 -23.51 -21.18
N LYS A 220 -4.08 -24.39 -21.48
CA LYS A 220 -4.47 -24.66 -22.85
C LYS A 220 -5.48 -23.62 -23.35
N VAL A 221 -5.26 -23.10 -24.54
CA VAL A 221 -6.07 -22.07 -25.08
C VAL A 221 -6.78 -22.54 -26.36
N GLU A 222 -8.07 -22.70 -26.30
CA GLU A 222 -8.86 -23.16 -27.44
C GLU A 222 -10.00 -22.22 -27.79
N PRO A 223 -10.65 -22.32 -28.93
CA PRO A 223 -10.57 -23.34 -29.97
C PRO A 223 -9.58 -23.01 -31.08
N ALA B 1 13.57 29.19 -13.02
CA ALA B 1 12.96 29.85 -14.21
C ALA B 1 13.69 29.55 -15.55
N VAL B 2 14.87 28.93 -15.52
CA VAL B 2 15.43 28.39 -16.77
C VAL B 2 14.52 27.26 -17.26
N VAL B 3 14.12 27.32 -18.53
CA VAL B 3 13.35 26.24 -19.15
C VAL B 3 14.16 25.68 -20.30
N MET B 4 14.36 24.36 -20.31
CA MET B 4 15.07 23.66 -21.35
C MET B 4 14.09 23.02 -22.33
N THR B 5 14.35 23.18 -23.63
CA THR B 5 13.48 22.66 -24.68
C THR B 5 14.30 21.73 -25.58
N GLN B 6 13.89 20.47 -25.64
CA GLN B 6 14.61 19.44 -26.38
C GLN B 6 13.87 19.13 -27.66
N SER B 7 14.59 18.95 -28.77
CA SER B 7 13.96 18.67 -30.08
C SER B 7 14.86 17.70 -30.90
N PRO B 8 14.23 16.75 -31.59
CA PRO B 8 12.81 16.39 -31.58
C PRO B 8 12.50 15.57 -30.31
N SER B 9 11.24 15.18 -30.09
CA SER B 9 10.89 14.34 -28.91
C SER B 9 11.02 12.85 -29.24
N THR B 10 10.83 12.49 -30.52
CA THR B 10 11.12 11.15 -31.04
C THR B 10 12.01 11.37 -32.25
N LEU B 11 13.05 10.53 -32.42
CA LEU B 11 13.93 10.65 -33.56
C LEU B 11 14.06 9.24 -34.10
N SER B 12 13.66 9.03 -35.36
CA SER B 12 13.70 7.72 -35.99
C SER B 12 14.85 7.66 -36.99
N ALA B 13 15.72 6.67 -36.85
CA ALA B 13 16.91 6.62 -37.71
C ALA B 13 17.34 5.18 -37.91
N SER B 14 18.48 5.02 -38.58
CA SER B 14 19.02 3.70 -38.88
C SER B 14 20.41 3.52 -38.26
N VAL B 15 20.80 2.27 -38.00
CA VAL B 15 22.19 1.98 -37.66
C VAL B 15 23.15 2.60 -38.69
N GLY B 16 24.19 3.29 -38.21
CA GLY B 16 25.18 3.85 -39.07
C GLY B 16 24.96 5.33 -39.34
N ASP B 17 23.75 5.81 -39.08
CA ASP B 17 23.43 7.23 -39.25
C ASP B 17 24.22 8.10 -38.28
N THR B 18 24.37 9.35 -38.66
CA THR B 18 24.84 10.38 -37.76
C THR B 18 23.63 11.24 -37.42
N ILE B 19 23.32 11.35 -36.13
CA ILE B 19 22.11 12.10 -35.70
C ILE B 19 22.44 13.24 -34.77
N THR B 20 21.56 14.25 -34.74
CA THR B 20 21.74 15.43 -33.92
CA THR B 20 21.74 15.42 -33.89
C THR B 20 20.47 15.68 -33.11
N ILE B 21 20.66 15.93 -31.81
CA ILE B 21 19.58 16.24 -30.91
C ILE B 21 19.86 17.63 -30.36
N THR B 22 18.84 18.49 -30.33
CA THR B 22 19.00 19.89 -29.92
CA THR B 22 19.02 19.88 -29.89
C THR B 22 18.32 20.19 -28.57
N CYS B 23 19.00 20.98 -27.77
CA CYS B 23 18.47 21.45 -26.51
C CYS B 23 18.70 22.95 -26.46
N ARG B 24 17.63 23.69 -26.24
CA ARG B 24 17.75 25.14 -26.17
C ARG B 24 17.29 25.65 -24.80
N ALA B 25 17.98 26.66 -24.31
CA ALA B 25 17.70 27.25 -23.00
C ALA B 25 16.93 28.54 -23.17
N SER B 26 16.01 28.81 -22.25
CA SER B 26 15.21 30.05 -22.27
C SER B 26 16.00 31.31 -21.92
N GLN B 27 17.17 31.13 -21.28
CA GLN B 27 18.09 32.23 -21.00
C GLN B 27 19.49 31.66 -20.98
N SER B 28 20.51 32.50 -21.15
CA SER B 28 21.85 31.96 -21.25
C SER B 28 22.25 31.12 -20.01
N ILE B 29 22.85 29.95 -20.28
CA ILE B 29 23.34 29.05 -19.23
C ILE B 29 24.82 28.71 -19.39
N GLU B 30 25.57 29.60 -20.03
CA GLU B 30 26.98 29.39 -20.28
C GLU B 30 27.19 27.99 -20.88
N THR B 31 28.02 27.15 -20.26
CA THR B 31 28.12 25.77 -20.73
C THR B 31 27.63 24.78 -19.66
N TRP B 32 26.72 25.24 -18.79
CA TRP B 32 26.25 24.38 -17.70
C TRP B 32 25.15 23.42 -18.16
N LEU B 33 25.53 22.47 -19.00
CA LEU B 33 24.56 21.58 -19.61
C LEU B 33 25.13 20.17 -19.61
N ALA B 34 24.31 19.22 -19.19
CA ALA B 34 24.65 17.80 -19.26
C ALA B 34 23.70 17.02 -20.18
N TRP B 35 24.19 15.89 -20.68
CA TRP B 35 23.37 14.95 -21.47
C TRP B 35 23.43 13.58 -20.81
N TYR B 36 22.26 12.95 -20.67
CA TYR B 36 22.15 11.59 -20.10
C TYR B 36 21.52 10.64 -21.10
N GLN B 37 21.94 9.39 -21.04
CA GLN B 37 21.32 8.32 -21.79
C GLN B 37 20.49 7.51 -20.82
N GLN B 38 19.30 7.08 -21.24
CA GLN B 38 18.48 6.24 -20.38
C GLN B 38 17.80 5.11 -21.13
N LYS B 39 18.00 3.87 -20.68
CA LYS B 39 17.31 2.76 -21.29
C LYS B 39 16.10 2.36 -20.42
N PRO B 40 15.10 1.67 -21.01
CA PRO B 40 13.88 1.44 -20.24
C PRO B 40 14.11 0.66 -18.96
N GLY B 41 13.61 1.20 -17.85
CA GLY B 41 13.69 0.49 -16.58
C GLY B 41 15.05 0.60 -15.91
N LYS B 42 15.95 1.38 -16.48
CA LYS B 42 17.28 1.59 -15.91
C LYS B 42 17.43 3.03 -15.46
N ALA B 43 18.47 3.31 -14.67
CA ALA B 43 18.77 4.69 -14.26
C ALA B 43 19.38 5.47 -15.42
N PRO B 44 19.19 6.82 -15.43
CA PRO B 44 19.91 7.64 -16.41
C PRO B 44 21.42 7.51 -16.18
N LYS B 45 22.17 7.59 -17.28
CA LYS B 45 23.62 7.53 -17.24
C LYS B 45 24.19 8.82 -17.81
N LEU B 46 25.10 9.45 -17.08
CA LEU B 46 25.69 10.70 -17.54
C LEU B 46 26.64 10.39 -18.69
N LEU B 47 26.48 11.12 -19.79
CA LEU B 47 27.38 10.98 -20.94
CA LEU B 47 27.35 10.99 -20.96
C LEU B 47 28.32 12.16 -21.10
N ILE B 48 27.76 13.37 -21.04
CA ILE B 48 28.48 14.61 -21.30
C ILE B 48 28.12 15.66 -20.26
N TYR B 49 29.11 16.39 -19.78
CA TYR B 49 28.85 17.54 -18.92
C TYR B 49 29.65 18.76 -19.37
N LYS B 50 29.36 19.91 -18.75
CA LYS B 50 29.92 21.19 -19.19
C LYS B 50 29.84 21.32 -20.73
N ALA B 51 28.67 20.97 -21.25
CA ALA B 51 28.32 20.97 -22.67
C ALA B 51 29.12 20.02 -23.59
N SER B 52 30.44 19.90 -23.39
CA SER B 52 31.28 19.14 -24.34
C SER B 52 32.23 18.10 -23.73
N THR B 53 32.28 17.99 -22.41
CA THR B 53 33.24 17.09 -21.81
C THR B 53 32.62 15.69 -21.66
N LEU B 54 33.17 14.69 -22.34
CA LEU B 54 32.72 13.32 -22.12
C LEU B 54 33.15 12.79 -20.77
N LYS B 55 32.24 12.06 -20.13
CA LYS B 55 32.56 11.28 -18.94
C LYS B 55 33.53 10.17 -19.37
N THR B 56 34.44 9.80 -18.48
CA THR B 56 35.28 8.63 -18.67
C THR B 56 34.40 7.44 -19.02
N GLY B 57 34.84 6.66 -20.02
CA GLY B 57 34.17 5.41 -20.39
C GLY B 57 33.19 5.57 -21.54
N VAL B 58 32.95 6.80 -21.95
CA VAL B 58 31.95 7.06 -22.99
C VAL B 58 32.64 7.08 -24.36
N PRO B 59 32.10 6.31 -25.34
CA PRO B 59 32.78 6.19 -26.62
C PRO B 59 32.77 7.52 -27.36
N SER B 60 33.76 7.74 -28.21
CA SER B 60 33.98 9.05 -28.83
C SER B 60 32.97 9.40 -29.93
N ARG B 61 32.13 8.43 -30.33
CA ARG B 61 31.05 8.73 -31.27
C ARG B 61 29.98 9.71 -30.70
N PHE B 62 29.92 9.84 -29.36
CA PHE B 62 29.13 10.92 -28.73
C PHE B 62 29.93 12.20 -28.60
N SER B 63 29.31 13.31 -28.98
CA SER B 63 29.95 14.60 -28.81
C SER B 63 28.89 15.65 -28.50
N GLY B 64 29.26 16.56 -27.63
CA GLY B 64 28.37 17.65 -27.26
C GLY B 64 28.97 18.97 -27.66
N SER B 65 28.11 19.90 -28.08
CA SER B 65 28.55 21.21 -28.51
C SER B 65 27.54 22.26 -28.06
N GLY B 66 27.95 23.51 -28.22
CA GLY B 66 27.07 24.62 -27.94
C GLY B 66 27.43 25.37 -26.68
N SER B 67 26.76 26.50 -26.49
CA SER B 67 26.97 27.36 -25.34
C SER B 67 25.84 28.38 -25.35
N GLY B 68 25.63 29.04 -24.21
CA GLY B 68 24.65 30.13 -24.12
C GLY B 68 23.24 29.58 -24.11
N THR B 69 22.56 29.64 -25.25
CA THR B 69 21.15 29.17 -25.34
C THR B 69 20.85 28.00 -26.32
N GLU B 70 21.90 27.41 -26.90
CA GLU B 70 21.71 26.37 -27.92
C GLU B 70 22.81 25.33 -27.88
N PHE B 71 22.40 24.08 -27.74
CA PHE B 71 23.27 22.94 -27.45
C PHE B 71 22.92 21.74 -28.31
N THR B 72 23.90 20.91 -28.63
CA THR B 72 23.64 19.82 -29.56
C THR B 72 24.32 18.59 -29.05
N LEU B 73 23.62 17.47 -29.10
CA LEU B 73 24.23 16.18 -28.93
C LEU B 73 24.32 15.52 -30.30
N THR B 74 25.51 15.10 -30.68
CA THR B 74 25.68 14.42 -31.96
C THR B 74 26.14 13.01 -31.69
N ILE B 75 25.46 12.07 -32.34
CA ILE B 75 25.92 10.67 -32.31
C ILE B 75 26.32 10.25 -33.72
N SER B 76 27.62 10.03 -33.90
CA SER B 76 28.21 9.81 -35.22
C SER B 76 28.41 8.32 -35.47
N GLY B 77 27.45 7.69 -36.14
CA GLY B 77 27.58 6.27 -36.46
C GLY B 77 26.79 5.48 -35.44
N LEU B 78 25.47 5.61 -35.50
CA LEU B 78 24.57 4.96 -34.57
CA LEU B 78 24.57 4.94 -34.55
C LEU B 78 24.81 3.44 -34.52
N GLN B 79 24.92 2.91 -33.31
CA GLN B 79 25.01 1.46 -33.07
C GLN B 79 23.73 1.04 -32.35
N PHE B 80 23.45 -0.26 -32.32
CA PHE B 80 22.27 -0.77 -31.61
C PHE B 80 22.22 -0.34 -30.18
N ASP B 81 23.38 -0.23 -29.54
CA ASP B 81 23.45 0.16 -28.13
C ASP B 81 22.93 1.59 -27.93
N ASP B 82 22.88 2.38 -29.00
CA ASP B 82 22.54 3.81 -28.87
C ASP B 82 21.05 4.13 -28.95
N PHE B 83 20.22 3.19 -29.37
CA PHE B 83 18.77 3.37 -29.32
C PHE B 83 18.28 3.35 -27.87
N ALA B 84 17.72 4.48 -27.45
CA ALA B 84 17.56 4.84 -26.04
C ALA B 84 16.89 6.21 -26.00
N THR B 85 16.59 6.69 -24.79
CA THR B 85 16.14 8.07 -24.64
C THR B 85 17.32 8.90 -24.15
N TYR B 86 17.46 10.13 -24.69
CA TYR B 86 18.52 11.08 -24.32
C TYR B 86 17.84 12.29 -23.67
N HIS B 87 18.39 12.73 -22.54
CA HIS B 87 17.82 13.84 -21.78
C HIS B 87 18.87 14.93 -21.65
N CYS B 88 18.54 16.20 -21.93
CA CYS B 88 19.50 17.26 -21.57
C CYS B 88 19.12 17.88 -20.22
N GLN B 89 20.10 18.50 -19.57
CA GLN B 89 19.86 19.04 -18.24
C GLN B 89 20.70 20.28 -18.01
N HIS B 90 20.05 21.38 -17.61
CA HIS B 90 20.78 22.48 -17.04
C HIS B 90 20.97 22.19 -15.56
N TYR B 91 22.20 22.31 -15.08
CA TYR B 91 22.48 22.11 -13.69
C TYR B 91 23.13 23.36 -13.11
N ALA B 92 22.59 23.80 -11.97
CA ALA B 92 23.10 24.92 -11.19
C ALA B 92 23.41 24.40 -9.79
N GLY B 93 23.96 25.26 -8.93
CA GLY B 93 24.38 24.87 -7.59
C GLY B 93 23.30 24.18 -6.77
N TYR B 94 22.06 24.66 -6.90
CA TYR B 94 21.00 24.21 -5.99
C TYR B 94 19.68 23.83 -6.66
N SER B 95 19.74 23.73 -7.99
CA SER B 95 18.57 23.37 -8.80
CA SER B 95 18.57 23.39 -8.80
C SER B 95 19.01 22.78 -10.13
N ALA B 96 18.08 22.14 -10.81
CA ALA B 96 18.34 21.59 -12.13
C ALA B 96 17.04 21.58 -12.86
N THR B 97 17.13 21.56 -14.18
CA THR B 97 15.96 21.39 -14.98
C THR B 97 16.34 20.56 -16.20
N PHE B 98 15.43 19.67 -16.58
CA PHE B 98 15.62 18.78 -17.72
C PHE B 98 14.75 19.18 -18.90
N GLY B 99 15.28 18.94 -20.11
CA GLY B 99 14.46 18.80 -21.29
C GLY B 99 13.51 17.60 -21.17
N GLN B 100 12.62 17.47 -22.14
CA GLN B 100 11.52 16.49 -22.11
C GLN B 100 11.94 15.11 -22.62
N GLY B 101 13.18 14.99 -23.09
CA GLY B 101 13.71 13.70 -23.56
C GLY B 101 13.55 13.57 -25.07
N THR B 102 14.47 12.83 -25.69
CA THR B 102 14.34 12.46 -27.09
C THR B 102 14.46 10.93 -27.15
N ARG B 103 13.43 10.25 -27.64
CA ARG B 103 13.47 8.78 -27.74
C ARG B 103 13.97 8.46 -29.13
N VAL B 104 15.10 7.77 -29.23
CA VAL B 104 15.71 7.42 -30.50
C VAL B 104 15.36 5.98 -30.83
N GLU B 105 14.67 5.81 -31.96
CA GLU B 105 14.14 4.52 -32.32
C GLU B 105 14.60 4.17 -33.74
N ILE B 106 14.33 2.94 -34.17
CA ILE B 106 14.61 2.53 -35.56
C ILE B 106 13.50 2.97 -36.55
N LYS B 107 13.89 3.58 -37.67
CA LYS B 107 12.93 4.04 -38.65
C LYS B 107 12.43 2.90 -39.52
N ARG B 108 11.13 2.93 -39.80
CA ARG B 108 10.49 2.05 -40.79
C ARG B 108 9.27 2.73 -41.37
N THR B 109 8.61 2.07 -42.31
CA THR B 109 7.38 2.61 -42.89
C THR B 109 6.21 2.50 -41.92
N VAL B 110 5.24 3.39 -42.12
CA VAL B 110 3.96 3.36 -41.41
C VAL B 110 3.30 1.98 -41.58
N ALA B 111 2.82 1.42 -40.47
CA ALA B 111 2.11 0.16 -40.45
C ALA B 111 0.91 0.27 -39.56
N ALA B 112 -0.29 0.06 -40.12
CA ALA B 112 -1.49 0.07 -39.31
C ALA B 112 -1.49 -1.10 -38.35
N PRO B 113 -2.09 -0.90 -37.17
CA PRO B 113 -2.31 -2.00 -36.22
C PRO B 113 -3.35 -2.96 -36.80
N SER B 114 -3.15 -4.26 -36.54
CA SER B 114 -4.22 -5.23 -36.67
C SER B 114 -4.85 -5.28 -35.28
N VAL B 115 -6.17 -5.23 -35.24
CA VAL B 115 -6.91 -5.13 -34.00
C VAL B 115 -7.68 -6.43 -33.69
N PHE B 116 -7.61 -6.85 -32.43
CA PHE B 116 -8.17 -8.10 -31.94
C PHE B 116 -8.80 -7.87 -30.58
N ILE B 117 -10.00 -8.41 -30.39
CA ILE B 117 -10.67 -8.31 -29.09
C ILE B 117 -10.97 -9.66 -28.46
N PHE B 118 -10.87 -9.74 -27.12
CA PHE B 118 -11.05 -11.00 -26.40
C PHE B 118 -12.06 -10.76 -25.28
N PRO B 119 -13.24 -11.39 -25.38
CA PRO B 119 -14.13 -11.39 -24.22
C PRO B 119 -13.45 -12.07 -22.98
N PRO B 120 -13.95 -11.79 -21.77
CA PRO B 120 -13.47 -12.53 -20.62
C PRO B 120 -13.74 -14.03 -20.77
N SER B 121 -12.84 -14.84 -20.21
CA SER B 121 -13.07 -16.29 -20.15
C SER B 121 -14.25 -16.57 -19.19
N ASP B 122 -14.96 -17.68 -19.46
CA ASP B 122 -15.98 -18.14 -18.54
C ASP B 122 -15.37 -18.49 -17.18
N GLU B 123 -14.16 -19.02 -17.18
CA GLU B 123 -13.45 -19.32 -15.93
C GLU B 123 -13.24 -18.08 -15.06
N GLN B 124 -12.68 -17.02 -15.64
CA GLN B 124 -12.50 -15.77 -14.89
C GLN B 124 -13.85 -15.23 -14.40
N LEU B 125 -14.85 -15.25 -15.27
CA LEU B 125 -16.18 -14.70 -14.94
C LEU B 125 -16.77 -15.29 -13.67
N LYS B 126 -16.54 -16.59 -13.48
CA LYS B 126 -17.06 -17.33 -12.33
C LYS B 126 -16.57 -16.74 -11.01
N SER B 127 -15.34 -16.25 -11.04
CA SER B 127 -14.66 -15.71 -9.86
C SER B 127 -14.95 -14.23 -9.61
N GLY B 128 -15.81 -13.62 -10.46
CA GLY B 128 -16.40 -12.31 -10.16
C GLY B 128 -15.87 -11.10 -10.90
N THR B 129 -14.94 -11.36 -11.82
CA THR B 129 -14.27 -10.29 -12.56
C THR B 129 -14.27 -10.54 -14.08
N ALA B 130 -14.38 -9.46 -14.84
CA ALA B 130 -14.35 -9.56 -16.28
C ALA B 130 -13.22 -8.71 -16.81
N SER B 131 -12.21 -9.35 -17.38
CA SER B 131 -11.15 -8.64 -18.08
C SER B 131 -11.42 -8.75 -19.58
N VAL B 132 -11.55 -7.60 -20.24
CA VAL B 132 -11.76 -7.56 -21.69
C VAL B 132 -10.47 -6.98 -22.29
N VAL B 133 -9.90 -7.71 -23.26
CA VAL B 133 -8.58 -7.36 -23.78
C VAL B 133 -8.66 -6.95 -25.24
N CYS B 134 -8.11 -5.78 -25.56
CA CYS B 134 -8.00 -5.38 -26.95
C CYS B 134 -6.52 -5.35 -27.30
N LEU B 135 -6.16 -6.02 -28.40
CA LEU B 135 -4.77 -6.09 -28.86
C LEU B 135 -4.59 -5.28 -30.13
N LEU B 136 -3.57 -4.42 -30.14
CA LEU B 136 -3.18 -3.67 -31.33
C LEU B 136 -1.83 -4.21 -31.73
N ASN B 137 -1.77 -4.90 -32.87
CA ASN B 137 -0.54 -5.65 -33.18
C ASN B 137 0.29 -5.09 -34.33
N ASN B 138 1.59 -5.01 -34.10
CA ASN B 138 2.60 -4.81 -35.15
C ASN B 138 2.37 -3.51 -35.93
N PHE B 139 2.36 -2.44 -35.19
CA PHE B 139 2.09 -1.13 -35.78
C PHE B 139 3.25 -0.17 -35.65
N TYR B 140 3.25 0.88 -36.49
CA TYR B 140 4.32 1.87 -36.48
C TYR B 140 3.76 3.16 -37.10
N PRO B 141 4.01 4.32 -36.47
CA PRO B 141 4.80 4.60 -35.26
C PRO B 141 4.04 4.24 -33.97
N ARG B 142 4.65 4.49 -32.83
CA ARG B 142 4.13 3.97 -31.54
C ARG B 142 2.85 4.68 -31.06
N GLU B 143 2.66 5.92 -31.50
CA GLU B 143 1.48 6.69 -31.10
C GLU B 143 0.21 6.00 -31.56
N ALA B 144 -0.74 5.81 -30.66
CA ALA B 144 -1.99 5.12 -30.97
C ALA B 144 -2.97 5.46 -29.86
N LYS B 145 -4.26 5.43 -30.19
CA LYS B 145 -5.30 5.74 -29.23
C LYS B 145 -6.33 4.63 -29.24
N VAL B 146 -6.64 4.13 -28.05
CA VAL B 146 -7.69 3.15 -27.90
C VAL B 146 -8.76 3.74 -27.00
N GLN B 147 -10.01 3.59 -27.42
CA GLN B 147 -11.15 3.96 -26.60
C GLN B 147 -12.09 2.77 -26.46
N TRP B 148 -12.56 2.52 -25.23
CA TRP B 148 -13.52 1.46 -24.94
C TRP B 148 -14.90 2.05 -24.92
N LYS B 149 -15.86 1.35 -25.53
CA LYS B 149 -17.25 1.77 -25.52
C LYS B 149 -18.07 0.55 -25.09
N VAL B 150 -18.96 0.75 -24.14
CA VAL B 150 -19.83 -0.31 -23.66
C VAL B 150 -21.26 0.17 -23.90
N ASP B 151 -21.96 -0.54 -24.78
CA ASP B 151 -23.24 -0.09 -25.32
C ASP B 151 -23.20 1.39 -25.76
N ASN B 152 -22.11 1.72 -26.45
CA ASN B 152 -21.81 3.05 -26.99
C ASN B 152 -21.53 4.15 -25.95
N ALA B 153 -21.44 3.76 -24.68
CA ALA B 153 -21.01 4.67 -23.62
C ALA B 153 -19.49 4.61 -23.48
N LEU B 154 -18.82 5.72 -23.71
CA LEU B 154 -17.37 5.80 -23.61
C LEU B 154 -16.92 5.54 -22.17
N GLN B 155 -15.94 4.65 -22.02
CA GLN B 155 -15.42 4.27 -20.71
C GLN B 155 -14.26 5.15 -20.29
N SER B 156 -14.15 5.39 -18.98
CA SER B 156 -13.02 6.13 -18.46
C SER B 156 -12.62 5.57 -17.11
N GLY B 157 -11.32 5.47 -16.88
CA GLY B 157 -10.80 5.16 -15.54
C GLY B 157 -10.68 3.68 -15.21
N ASN B 158 -11.15 2.82 -16.10
CA ASN B 158 -11.20 1.38 -15.84
C ASN B 158 -10.41 0.52 -16.83
N SER B 159 -9.46 1.14 -17.53
CA SER B 159 -8.62 0.38 -18.44
C SER B 159 -7.17 0.72 -18.21
N GLN B 160 -6.30 -0.22 -18.56
CA GLN B 160 -4.87 0.00 -18.47
C GLN B 160 -4.18 -0.46 -19.76
N GLU B 161 -3.19 0.30 -20.21
CA GLU B 161 -2.41 -0.04 -21.41
C GLU B 161 -1.01 -0.52 -21.11
N SER B 162 -0.52 -1.42 -21.97
CA SER B 162 0.88 -1.82 -21.97
C SER B 162 1.40 -1.88 -23.40
N VAL B 163 2.62 -1.44 -23.60
CA VAL B 163 3.23 -1.38 -24.93
CA VAL B 163 3.23 -1.36 -24.92
C VAL B 163 4.56 -2.12 -24.91
N THR B 164 4.84 -2.83 -26.00
CA THR B 164 6.11 -3.52 -26.12
C THR B 164 7.20 -2.56 -26.55
N GLU B 165 8.44 -2.98 -26.30
CA GLU B 165 9.63 -2.34 -26.85
CA GLU B 165 9.58 -2.28 -26.85
C GLU B 165 9.65 -2.58 -28.35
N GLN B 166 10.39 -1.76 -29.08
CA GLN B 166 10.41 -1.91 -30.51
C GLN B 166 10.92 -3.30 -30.95
N ASP B 167 10.19 -3.93 -31.87
CA ASP B 167 10.49 -5.30 -32.30
C ASP B 167 11.82 -5.41 -33.05
N SER B 168 12.61 -6.42 -32.70
CA SER B 168 13.98 -6.55 -33.26
C SER B 168 13.99 -7.02 -34.71
N LYS B 169 12.87 -7.51 -35.20
CA LYS B 169 12.85 -8.03 -36.57
C LYS B 169 12.09 -7.17 -37.57
N ASP B 170 10.99 -6.57 -37.13
CA ASP B 170 10.18 -5.77 -38.03
C ASP B 170 10.03 -4.31 -37.55
N SER B 171 10.73 -3.96 -36.45
CA SER B 171 10.70 -2.56 -35.93
C SER B 171 9.31 -1.99 -35.60
N THR B 172 8.33 -2.88 -35.37
CA THR B 172 7.01 -2.45 -34.95
C THR B 172 6.80 -2.47 -33.44
N TYR B 173 5.65 -1.95 -33.01
CA TYR B 173 5.24 -1.99 -31.62
C TYR B 173 3.94 -2.79 -31.55
N SER B 174 3.63 -3.31 -30.36
CA SER B 174 2.29 -3.81 -30.09
C SER B 174 1.79 -3.24 -28.78
N LEU B 175 0.47 -3.24 -28.62
CA LEU B 175 -0.15 -2.66 -27.44
C LEU B 175 -1.34 -3.47 -27.00
N SER B 176 -1.45 -3.63 -25.68
CA SER B 176 -2.66 -4.22 -25.11
C SER B 176 -3.42 -3.14 -24.34
N SER B 177 -4.72 -3.14 -24.46
CA SER B 177 -5.56 -2.36 -23.56
C SER B 177 -6.49 -3.33 -22.87
N THR B 178 -6.56 -3.25 -21.54
CA THR B 178 -7.36 -4.17 -20.76
C THR B 178 -8.40 -3.41 -19.97
N LEU B 179 -9.66 -3.77 -20.21
CA LEU B 179 -10.83 -3.17 -19.53
C LEU B 179 -11.23 -4.12 -18.40
N THR B 180 -11.29 -3.61 -17.17
CA THR B 180 -11.62 -4.46 -16.03
C THR B 180 -12.91 -4.03 -15.40
N LEU B 181 -13.85 -4.96 -15.35
CA LEU B 181 -15.18 -4.73 -14.82
C LEU B 181 -15.52 -5.81 -13.82
N SER B 182 -16.35 -5.47 -12.84
CA SER B 182 -16.91 -6.51 -11.98
C SER B 182 -17.83 -7.35 -12.86
N LYS B 183 -18.02 -8.61 -12.48
CA LYS B 183 -18.96 -9.46 -13.17
C LYS B 183 -20.34 -8.80 -13.23
N ALA B 184 -20.76 -8.18 -12.13
CA ALA B 184 -22.05 -7.50 -12.06
C ALA B 184 -22.20 -6.41 -13.12
N ASP B 185 -21.18 -5.56 -13.24
CA ASP B 185 -21.17 -4.48 -14.24
C ASP B 185 -21.11 -5.05 -15.66
N TYR B 186 -20.29 -6.10 -15.85
CA TYR B 186 -20.14 -6.73 -17.15
C TYR B 186 -21.47 -7.26 -17.69
N GLU B 187 -22.24 -7.88 -16.80
CA GLU B 187 -23.53 -8.47 -17.20
C GLU B 187 -24.66 -7.47 -17.37
N LYS B 188 -24.40 -6.20 -17.09
CA LYS B 188 -25.40 -5.16 -17.29
C LYS B 188 -25.45 -4.65 -18.73
N HIS B 189 -24.48 -5.02 -19.54
CA HIS B 189 -24.38 -4.46 -20.89
C HIS B 189 -24.10 -5.50 -21.93
N LYS B 190 -24.40 -5.16 -23.19
CA LYS B 190 -24.35 -6.11 -24.30
C LYS B 190 -23.14 -5.92 -25.21
N VAL B 191 -22.98 -4.73 -25.79
CA VAL B 191 -21.96 -4.50 -26.80
C VAL B 191 -20.66 -3.95 -26.21
N TYR B 192 -19.56 -4.66 -26.43
CA TYR B 192 -18.23 -4.24 -25.93
C TYR B 192 -17.37 -3.92 -27.15
N ALA B 193 -16.86 -2.69 -27.22
CA ALA B 193 -16.16 -2.23 -28.40
C ALA B 193 -14.83 -1.58 -28.08
N CYS B 194 -13.79 -1.95 -28.84
CA CYS B 194 -12.47 -1.32 -28.75
C CYS B 194 -12.29 -0.49 -30.04
N GLU B 195 -12.13 0.83 -29.91
CA GLU B 195 -12.04 1.69 -31.10
C GLU B 195 -10.60 2.23 -31.19
N VAL B 196 -9.95 2.00 -32.33
CA VAL B 196 -8.51 2.26 -32.46
C VAL B 196 -8.24 3.34 -33.49
N THR B 197 -7.43 4.32 -33.11
CA THR B 197 -7.04 5.39 -33.98
C THR B 197 -5.52 5.31 -34.16
N HIS B 198 -5.08 5.40 -35.41
CA HIS B 198 -3.68 5.30 -35.68
C HIS B 198 -3.42 5.95 -37.04
N GLN B 199 -2.22 6.50 -37.21
CA GLN B 199 -1.83 7.20 -38.46
C GLN B 199 -2.02 6.31 -39.70
N GLY B 200 -1.77 5.01 -39.55
CA GLY B 200 -1.95 4.05 -40.65
C GLY B 200 -3.39 3.67 -40.96
N LEU B 201 -4.33 4.12 -40.14
CA LEU B 201 -5.75 3.86 -40.38
C LEU B 201 -6.41 5.11 -40.91
N SER B 202 -7.06 4.98 -42.07
CA SER B 202 -7.73 6.12 -42.71
C SER B 202 -8.85 6.66 -41.83
N SER B 203 -9.66 5.76 -41.28
CA SER B 203 -10.59 6.13 -40.21
C SER B 203 -10.44 5.11 -39.06
N PRO B 204 -10.90 5.46 -37.84
CA PRO B 204 -10.67 4.53 -36.73
C PRO B 204 -11.36 3.19 -36.96
N VAL B 205 -10.71 2.13 -36.48
CA VAL B 205 -11.18 0.73 -36.61
C VAL B 205 -11.78 0.25 -35.28
N THR B 206 -12.96 -0.33 -35.35
CA THR B 206 -13.63 -0.82 -34.17
C THR B 206 -13.79 -2.33 -34.25
N LYS B 207 -13.30 -3.03 -33.23
CA LYS B 207 -13.63 -4.44 -33.05
C LYS B 207 -14.58 -4.56 -31.89
N SER B 208 -15.67 -5.29 -32.07
CA SER B 208 -16.63 -5.47 -30.97
C SER B 208 -17.19 -6.88 -30.86
N PHE B 209 -17.79 -7.17 -29.72
CA PHE B 209 -18.58 -8.41 -29.58
C PHE B 209 -19.77 -8.13 -28.71
N ASN B 210 -20.74 -9.04 -28.78
CA ASN B 210 -21.90 -9.00 -27.93
C ASN B 210 -21.68 -10.01 -26.81
N ARG B 211 -21.82 -9.57 -25.56
CA ARG B 211 -21.68 -10.46 -24.42
C ARG B 211 -22.56 -11.71 -24.56
N GLY B 212 -21.96 -12.89 -24.39
CA GLY B 212 -22.72 -14.15 -24.44
C GLY B 212 -22.94 -14.80 -25.80
N GLU B 213 -22.73 -14.06 -26.89
CA GLU B 213 -22.97 -14.58 -28.25
C GLU B 213 -21.69 -15.03 -28.96
N ALA C 1 17.10 -5.17 28.98
CA ALA C 1 17.06 -6.46 29.76
C ALA C 1 16.02 -6.38 30.90
N VAL C 2 15.57 -5.18 31.23
CA VAL C 2 14.44 -5.02 32.14
C VAL C 2 13.18 -5.56 31.48
N VAL C 3 12.47 -6.42 32.19
CA VAL C 3 11.13 -6.85 31.79
C VAL C 3 10.14 -6.38 32.86
N MET C 4 9.09 -5.67 32.41
CA MET C 4 8.02 -5.24 33.29
C MET C 4 6.83 -6.16 33.11
N THR C 5 6.22 -6.56 34.21
CA THR C 5 5.03 -7.41 34.19
CA THR C 5 4.99 -7.36 34.14
C THR C 5 3.88 -6.76 34.99
N GLN C 6 2.71 -6.65 34.39
CA GLN C 6 1.56 -6.02 35.03
C GLN C 6 0.53 -7.03 35.42
N SER C 7 -0.14 -6.80 36.54
CA SER C 7 -1.30 -7.65 36.90
C SER C 7 -2.41 -6.85 37.57
N PRO C 8 -3.66 -7.25 37.37
CA PRO C 8 -4.14 -8.35 36.49
C PRO C 8 -4.16 -7.88 35.03
N SER C 9 -4.38 -8.81 34.08
CA SER C 9 -4.46 -8.40 32.68
CA SER C 9 -4.49 -8.44 32.66
C SER C 9 -5.80 -7.73 32.39
N THR C 10 -6.85 -8.17 33.08
CA THR C 10 -8.15 -7.52 32.98
C THR C 10 -8.68 -7.32 34.38
N LEU C 11 -9.30 -6.17 34.61
CA LEU C 11 -9.82 -5.85 35.92
C LEU C 11 -11.26 -5.38 35.72
N SER C 12 -12.17 -6.11 36.36
CA SER C 12 -13.59 -5.81 36.25
CA SER C 12 -13.59 -5.86 36.26
C SER C 12 -14.03 -5.09 37.51
N ALA C 13 -14.50 -3.85 37.35
CA ALA C 13 -14.88 -3.08 38.53
C ALA C 13 -16.12 -2.19 38.32
N SER C 14 -16.64 -1.61 39.40
CA SER C 14 -17.81 -0.77 39.29
C SER C 14 -17.47 0.68 39.61
N VAL C 15 -18.25 1.61 39.08
CA VAL C 15 -18.14 3.02 39.49
C VAL C 15 -18.22 3.12 41.04
N GLY C 16 -17.29 3.91 41.60
CA GLY C 16 -17.18 4.10 43.03
C GLY C 16 -16.14 3.24 43.70
N ASP C 17 -15.65 2.21 43.00
CA ASP C 17 -14.68 1.26 43.58
C ASP C 17 -13.30 1.90 43.77
N THR C 18 -12.49 1.31 44.64
CA THR C 18 -11.06 1.64 44.65
C THR C 18 -10.33 0.46 44.06
N ILE C 19 -9.54 0.71 43.01
CA ILE C 19 -8.87 -0.39 42.31
C ILE C 19 -7.36 -0.19 42.31
N THR C 20 -6.63 -1.31 42.27
CA THR C 20 -5.18 -1.30 42.28
CA THR C 20 -5.18 -1.24 42.19
C THR C 20 -4.66 -2.15 41.10
N ILE C 21 -3.68 -1.62 40.39
CA ILE C 21 -3.03 -2.35 39.32
C ILE C 21 -1.56 -2.48 39.71
N THR C 22 -0.98 -3.68 39.62
CA THR C 22 0.42 -3.89 40.04
CA THR C 22 0.42 -3.83 40.03
C THR C 22 1.35 -3.97 38.82
N CYS C 23 2.58 -3.49 38.98
CA CYS C 23 3.58 -3.58 37.94
C CYS C 23 4.91 -3.97 38.61
N ARG C 24 5.51 -5.07 38.16
CA ARG C 24 6.78 -5.55 38.73
C ARG C 24 7.89 -5.54 37.69
N ALA C 25 9.08 -5.13 38.11
CA ALA C 25 10.28 -5.12 37.28
C ALA C 25 11.17 -6.34 37.59
N SER C 26 11.85 -6.85 36.58
CA SER C 26 12.68 -8.05 36.73
C SER C 26 14.01 -7.72 37.45
N GLN C 27 14.35 -6.44 37.53
CA GLN C 27 15.51 -5.97 38.29
C GLN C 27 15.17 -4.57 38.78
N SER C 28 15.94 -4.05 39.73
CA SER C 28 15.64 -2.74 40.30
C SER C 28 15.65 -1.65 39.24
N ILE C 29 14.64 -0.79 39.30
CA ILE C 29 14.53 0.37 38.40
C ILE C 29 14.35 1.67 39.17
N GLU C 30 14.74 1.67 40.45
CA GLU C 30 14.57 2.88 41.31
C GLU C 30 13.10 3.31 41.26
N THR C 31 12.82 4.56 40.89
CA THR C 31 11.42 4.95 40.61
C THR C 31 11.18 5.44 39.17
N TRP C 32 11.90 4.85 38.23
CA TRP C 32 11.82 5.23 36.82
C TRP C 32 10.69 4.47 36.16
N LEU C 33 9.49 4.87 36.55
CA LEU C 33 8.28 4.17 36.13
C LEU C 33 7.18 5.17 35.80
N ALA C 34 6.49 4.97 34.67
CA ALA C 34 5.39 5.86 34.34
C ALA C 34 4.17 5.00 34.12
N TRP C 35 3.00 5.61 34.33
CA TRP C 35 1.70 4.98 34.02
C TRP C 35 0.99 5.80 32.96
N TYR C 36 0.43 5.11 31.94
CA TYR C 36 -0.33 5.77 30.87
C TYR C 36 -1.74 5.20 30.83
N GLN C 37 -2.68 6.05 30.50
CA GLN C 37 -4.04 5.63 30.21
C GLN C 37 -4.21 5.60 28.72
N GLN C 38 -4.97 4.63 28.20
CA GLN C 38 -5.25 4.60 26.77
C GLN C 38 -6.61 4.06 26.49
N LYS C 39 -7.38 4.82 25.72
CA LYS C 39 -8.70 4.32 25.28
C LYS C 39 -8.60 3.87 23.82
N PRO C 40 -9.57 3.06 23.35
CA PRO C 40 -9.47 2.49 21.98
C PRO C 40 -9.31 3.54 20.87
N GLY C 41 -8.28 3.36 20.05
CA GLY C 41 -8.07 4.26 18.91
C GLY C 41 -7.55 5.64 19.20
N LYS C 42 -7.11 5.87 20.44
CA LYS C 42 -6.62 7.16 20.88
C LYS C 42 -5.15 7.00 21.28
N ALA C 43 -4.44 8.11 21.38
CA ALA C 43 -3.09 8.07 21.91
C ALA C 43 -3.02 7.75 23.41
N PRO C 44 -1.93 7.10 23.86
CA PRO C 44 -1.68 7.00 25.31
C PRO C 44 -1.56 8.40 25.91
N LYS C 45 -2.03 8.55 27.15
CA LYS C 45 -1.91 9.79 27.92
C LYS C 45 -1.11 9.52 29.18
N LEU C 46 -0.04 10.30 29.37
CA LEU C 46 0.74 10.16 30.60
C LEU C 46 -0.07 10.56 31.86
N LEU C 47 -0.15 9.67 32.85
CA LEU C 47 -0.85 9.98 34.11
C LEU C 47 0.12 10.32 35.23
N ILE C 48 1.08 9.42 35.44
CA ILE C 48 1.97 9.47 36.58
C ILE C 48 3.36 9.13 36.10
N TYR C 49 4.36 9.78 36.66
CA TYR C 49 5.73 9.46 36.33
C TYR C 49 6.58 9.55 37.58
N LYS C 50 7.83 9.08 37.50
CA LYS C 50 8.71 8.95 38.70
C LYS C 50 7.98 8.13 39.77
N ALA C 51 7.16 7.20 39.30
CA ALA C 51 6.33 6.27 40.11
C ALA C 51 5.13 6.90 40.85
N SER C 52 5.26 8.14 41.32
CA SER C 52 4.23 8.74 42.20
C SER C 52 3.82 10.16 41.84
N THR C 53 4.48 10.73 40.84
CA THR C 53 4.24 12.16 40.54
C THR C 53 3.13 12.28 39.51
N LEU C 54 2.03 12.96 39.83
CA LEU C 54 0.95 13.09 38.86
CA LEU C 54 0.92 13.13 38.88
C LEU C 54 1.28 14.21 37.88
N LYS C 55 1.01 13.96 36.60
CA LYS C 55 1.06 15.01 35.59
C LYS C 55 -0.06 16.04 35.89
N THR C 56 0.16 17.30 35.51
CA THR C 56 -0.83 18.35 35.64
CA THR C 56 -0.87 18.34 35.67
C THR C 56 -2.10 17.97 34.85
N GLY C 57 -3.27 18.26 35.42
CA GLY C 57 -4.54 18.02 34.73
C GLY C 57 -5.08 16.63 34.99
N VAL C 58 -4.35 15.84 35.78
CA VAL C 58 -4.78 14.47 36.14
C VAL C 58 -5.50 14.54 37.49
N PRO C 59 -6.74 14.01 37.58
CA PRO C 59 -7.44 14.07 38.87
C PRO C 59 -6.77 13.32 40.04
N SER C 60 -6.97 13.84 41.25
CA SER C 60 -6.31 13.38 42.47
C SER C 60 -6.72 11.95 42.86
N ARG C 61 -7.80 11.43 42.25
CA ARG C 61 -8.16 10.04 42.51
C ARG C 61 -7.11 9.03 41.98
N PHE C 62 -6.20 9.47 41.12
CA PHE C 62 -5.11 8.63 40.61
C PHE C 62 -3.90 8.84 41.54
N SER C 63 -3.29 7.73 41.96
CA SER C 63 -2.03 7.82 42.75
C SER C 63 -1.15 6.62 42.40
N GLY C 64 0.15 6.78 42.59
CA GLY C 64 1.09 5.68 42.33
C GLY C 64 2.08 5.58 43.48
N SER C 65 2.53 4.36 43.78
CA SER C 65 3.56 4.18 44.80
CA SER C 65 3.52 4.15 44.82
C SER C 65 4.45 3.01 44.42
N GLY C 66 5.52 2.83 45.20
CA GLY C 66 6.47 1.75 45.00
C GLY C 66 7.86 2.28 44.61
N SER C 67 8.86 1.42 44.68
CA SER C 67 10.24 1.71 44.32
C SER C 67 10.93 0.36 44.15
N GLY C 68 12.00 0.33 43.37
CA GLY C 68 12.83 -0.88 43.28
C GLY C 68 12.23 -1.81 42.24
N THR C 69 11.47 -2.82 42.66
CA THR C 69 10.86 -3.73 41.69
C THR C 69 9.34 -3.86 41.74
N GLU C 70 8.68 -3.24 42.72
CA GLU C 70 7.22 -3.46 42.87
C GLU C 70 6.54 -2.10 42.89
N PHE C 71 5.51 -1.94 42.04
CA PHE C 71 4.85 -0.64 41.86
C PHE C 71 3.35 -0.83 41.81
N THR C 72 2.61 0.19 42.21
CA THR C 72 1.15 0.14 42.23
CA THR C 72 1.15 0.12 42.11
C THR C 72 0.57 1.42 41.61
N LEU C 73 -0.50 1.29 40.82
CA LEU C 73 -1.36 2.40 40.47
C LEU C 73 -2.68 2.19 41.19
N THR C 74 -3.14 3.22 41.88
CA THR C 74 -4.42 3.16 42.58
C THR C 74 -5.39 4.18 42.01
N ILE C 75 -6.63 3.76 41.76
CA ILE C 75 -7.66 4.73 41.41
C ILE C 75 -8.77 4.64 42.48
N SER C 76 -8.93 5.73 43.22
CA SER C 76 -9.79 5.74 44.39
C SER C 76 -11.10 6.44 44.04
N GLY C 77 -12.15 5.65 43.83
CA GLY C 77 -13.45 6.21 43.43
C GLY C 77 -13.58 6.22 41.92
N LEU C 78 -13.57 5.03 41.34
CA LEU C 78 -13.63 4.84 39.91
C LEU C 78 -14.81 5.58 39.24
N GLN C 79 -14.54 6.32 38.17
CA GLN C 79 -15.60 6.98 37.37
C GLN C 79 -15.72 6.35 35.98
N PHE C 80 -16.83 6.59 35.28
CA PHE C 80 -17.01 6.03 33.95
C PHE C 80 -15.86 6.40 33.02
N ASP C 81 -15.33 7.61 33.20
CA ASP C 81 -14.21 8.06 32.38
C ASP C 81 -12.93 7.21 32.51
N ASP C 82 -12.87 6.40 33.58
CA ASP C 82 -11.63 5.66 33.94
C ASP C 82 -11.55 4.29 33.30
N PHE C 83 -12.63 3.83 32.68
CA PHE C 83 -12.58 2.51 32.01
C PHE C 83 -11.76 2.68 30.74
N ALA C 84 -10.64 1.94 30.68
CA ALA C 84 -9.54 2.17 29.74
C ALA C 84 -8.51 1.09 29.97
N THR C 85 -7.45 1.11 29.15
CA THR C 85 -6.32 0.30 29.41
C THR C 85 -5.28 1.19 30.07
N TYR C 86 -4.58 0.62 31.05
CA TYR C 86 -3.46 1.30 31.73
C TYR C 86 -2.17 0.54 31.46
N HIS C 87 -1.11 1.28 31.14
CA HIS C 87 0.16 0.69 30.73
C HIS C 87 1.21 1.18 31.73
N CYS C 88 1.96 0.26 32.34
CA CYS C 88 3.18 0.72 33.07
C CYS C 88 4.37 0.72 32.13
N GLN C 89 5.35 1.57 32.40
CA GLN C 89 6.50 1.72 31.51
C GLN C 89 7.71 1.97 32.37
N HIS C 90 8.78 1.24 32.13
CA HIS C 90 10.08 1.64 32.68
C HIS C 90 10.75 2.46 31.59
N TYR C 91 11.22 3.65 31.93
CA TYR C 91 11.90 4.50 30.97
C TYR C 91 13.31 4.80 31.42
N ALA C 92 14.25 4.67 30.49
CA ALA C 92 15.67 4.94 30.74
C ALA C 92 16.10 6.05 29.77
N GLY C 93 17.34 6.53 29.88
CA GLY C 93 17.78 7.66 29.06
C GLY C 93 17.58 7.46 27.57
N TYR C 94 17.84 6.24 27.11
CA TYR C 94 17.83 5.95 25.67
C TYR C 94 17.02 4.73 25.25
N SER C 95 16.16 4.22 26.13
CA SER C 95 15.26 3.09 25.83
C SER C 95 14.13 3.06 26.83
N ALA C 96 13.17 2.18 26.56
CA ALA C 96 12.05 1.98 27.46
C ALA C 96 11.46 0.60 27.20
N THR C 97 10.57 0.19 28.09
CA THR C 97 9.87 -1.06 27.93
C THR C 97 8.54 -0.96 28.68
N PHE C 98 7.53 -1.68 28.22
CA PHE C 98 6.23 -1.60 28.86
C PHE C 98 5.78 -2.94 29.43
N GLY C 99 4.89 -2.91 30.41
CA GLY C 99 4.14 -4.11 30.79
C GLY C 99 3.10 -4.37 29.70
N GLN C 100 2.29 -5.40 29.88
CA GLN C 100 1.43 -5.88 28.81
C GLN C 100 0.10 -5.15 28.76
N GLY C 101 -0.13 -4.26 29.73
CA GLY C 101 -1.36 -3.50 29.80
C GLY C 101 -2.39 -4.19 30.68
N THR C 102 -3.24 -3.38 31.30
CA THR C 102 -4.35 -3.85 32.14
C THR C 102 -5.60 -3.19 31.61
N ARG C 103 -6.56 -3.99 31.14
CA ARG C 103 -7.80 -3.46 30.60
C ARG C 103 -8.79 -3.41 31.76
N VAL C 104 -9.24 -2.18 32.10
CA VAL C 104 -10.20 -1.98 33.20
C VAL C 104 -11.59 -1.84 32.57
N GLU C 105 -12.47 -2.80 32.87
CA GLU C 105 -13.80 -2.88 32.25
C GLU C 105 -14.90 -2.81 33.30
N ILE C 106 -16.13 -2.56 32.86
CA ILE C 106 -17.28 -2.45 33.76
C ILE C 106 -17.74 -3.83 34.18
N LYS C 107 -17.93 -4.02 35.48
CA LYS C 107 -18.35 -5.30 36.01
C LYS C 107 -19.82 -5.54 35.73
N ARG C 108 -20.18 -6.75 35.31
CA ARG C 108 -21.58 -7.13 35.21
C ARG C 108 -21.65 -8.61 35.42
N THR C 109 -22.85 -9.20 35.34
CA THR C 109 -22.93 -10.64 35.55
C THR C 109 -22.38 -11.41 34.35
N VAL C 110 -22.02 -12.67 34.55
CA VAL C 110 -21.58 -13.51 33.47
C VAL C 110 -22.75 -13.69 32.51
N ALA C 111 -22.47 -13.55 31.22
CA ALA C 111 -23.51 -13.79 30.20
C ALA C 111 -22.94 -14.71 29.13
N ALA C 112 -23.64 -15.78 28.83
CA ALA C 112 -23.26 -16.68 27.74
C ALA C 112 -23.49 -16.01 26.38
N PRO C 113 -22.62 -16.27 25.38
CA PRO C 113 -22.95 -15.76 24.06
C PRO C 113 -24.19 -16.44 23.50
N SER C 114 -25.00 -15.70 22.74
CA SER C 114 -25.96 -16.36 21.84
C SER C 114 -25.32 -16.45 20.47
N VAL C 115 -25.31 -17.65 19.91
CA VAL C 115 -24.56 -17.91 18.70
C VAL C 115 -25.47 -18.01 17.49
N PHE C 116 -25.07 -17.33 16.41
CA PHE C 116 -25.78 -17.42 15.12
C PHE C 116 -24.81 -17.69 13.99
N ILE C 117 -25.25 -18.44 12.98
CA ILE C 117 -24.36 -18.64 11.84
C ILE C 117 -25.05 -18.23 10.56
N PHE C 118 -24.31 -17.57 9.66
CA PHE C 118 -24.90 -17.07 8.42
C PHE C 118 -24.17 -17.65 7.22
N PRO C 119 -24.88 -18.40 6.36
CA PRO C 119 -24.31 -18.84 5.08
C PRO C 119 -24.03 -17.62 4.20
N PRO C 120 -23.13 -17.76 3.23
CA PRO C 120 -23.00 -16.66 2.27
C PRO C 120 -24.31 -16.45 1.51
N SER C 121 -24.57 -15.20 1.15
CA SER C 121 -25.77 -14.85 0.41
C SER C 121 -25.62 -15.33 -1.03
N ASP C 122 -26.75 -15.56 -1.69
CA ASP C 122 -26.73 -15.92 -3.09
C ASP C 122 -26.08 -14.82 -3.91
N GLU C 123 -26.36 -13.56 -3.56
CA GLU C 123 -25.75 -12.42 -4.23
CA GLU C 123 -25.76 -12.43 -4.24
C GLU C 123 -24.22 -12.47 -4.17
N GLN C 124 -23.66 -12.81 -3.01
CA GLN C 124 -22.21 -12.90 -2.87
C GLN C 124 -21.61 -14.07 -3.66
N LEU C 125 -22.25 -15.23 -3.56
CA LEU C 125 -21.81 -16.42 -4.31
C LEU C 125 -21.73 -16.14 -5.81
N LYS C 126 -22.78 -15.50 -6.35
CA LYS C 126 -22.85 -15.11 -7.75
C LYS C 126 -21.63 -14.27 -8.14
N SER C 127 -21.10 -13.51 -7.19
CA SER C 127 -19.95 -12.64 -7.46
C SER C 127 -18.59 -13.27 -7.15
N GLY C 128 -18.54 -14.58 -6.89
CA GLY C 128 -17.27 -15.32 -6.77
C GLY C 128 -16.71 -15.66 -5.39
N THR C 129 -17.20 -15.01 -4.35
CA THR C 129 -16.66 -15.25 -3.01
C THR C 129 -17.72 -15.81 -2.07
N ALA C 130 -17.27 -16.46 -1.00
CA ALA C 130 -18.15 -17.00 0.03
C ALA C 130 -17.62 -16.54 1.38
N SER C 131 -18.40 -15.70 2.05
CA SER C 131 -18.11 -15.32 3.42
C SER C 131 -19.12 -16.01 4.33
N VAL C 132 -18.63 -16.80 5.26
CA VAL C 132 -19.50 -17.43 6.23
CA VAL C 132 -19.48 -17.46 6.24
C VAL C 132 -19.26 -16.73 7.56
N VAL C 133 -20.34 -16.27 8.18
CA VAL C 133 -20.22 -15.45 9.37
C VAL C 133 -20.81 -16.15 10.59
N CYS C 134 -20.01 -16.20 11.64
CA CYS C 134 -20.48 -16.67 12.94
C CYS C 134 -20.54 -15.51 13.93
N LEU C 135 -21.71 -15.31 14.53
CA LEU C 135 -21.97 -14.22 15.47
C LEU C 135 -22.07 -14.76 16.92
N LEU C 136 -21.23 -14.24 17.81
CA LEU C 136 -21.37 -14.53 19.25
C LEU C 136 -21.88 -13.23 19.89
N ASN C 137 -23.11 -13.22 20.38
CA ASN C 137 -23.75 -11.98 20.75
C ASN C 137 -23.96 -11.84 22.24
N ASN C 138 -23.58 -10.66 22.74
CA ASN C 138 -23.92 -10.19 24.08
C ASN C 138 -23.41 -11.10 25.18
N PHE C 139 -22.10 -11.28 25.20
CA PHE C 139 -21.48 -12.17 26.18
C PHE C 139 -20.56 -11.39 27.12
N TYR C 140 -20.22 -12.02 28.25
CA TYR C 140 -19.39 -11.34 29.26
C TYR C 140 -18.86 -12.43 30.20
N PRO C 141 -17.57 -12.41 30.54
CA PRO C 141 -16.53 -11.47 30.11
C PRO C 141 -16.06 -11.74 28.68
N ARG C 142 -15.03 -11.01 28.24
CA ARG C 142 -14.72 -10.98 26.81
C ARG C 142 -14.08 -12.27 26.23
N GLU C 143 -13.56 -13.14 27.06
CA GLU C 143 -12.91 -14.38 26.61
C GLU C 143 -13.89 -15.33 26.00
N ALA C 144 -13.69 -15.63 24.74
CA ALA C 144 -14.51 -16.61 24.05
C ALA C 144 -13.62 -17.32 23.04
N LYS C 145 -13.87 -18.60 22.79
CA LYS C 145 -13.14 -19.33 21.76
C LYS C 145 -14.11 -19.67 20.63
N VAL C 146 -13.65 -19.46 19.40
CA VAL C 146 -14.42 -19.84 18.20
C VAL C 146 -13.59 -20.80 17.35
N GLN C 147 -14.19 -21.92 16.99
CA GLN C 147 -13.55 -22.96 16.18
C GLN C 147 -14.42 -23.26 14.96
N TRP C 148 -13.85 -23.10 13.78
CA TRP C 148 -14.55 -23.46 12.54
C TRP C 148 -14.25 -24.89 12.12
N LYS C 149 -15.29 -25.61 11.73
CA LYS C 149 -15.16 -26.96 11.17
C LYS C 149 -15.90 -27.02 9.85
N VAL C 150 -15.21 -27.53 8.83
CA VAL C 150 -15.75 -27.62 7.49
C VAL C 150 -15.67 -29.09 7.14
N ASP C 151 -16.84 -29.70 6.95
CA ASP C 151 -16.97 -31.16 6.78
C ASP C 151 -16.33 -31.90 7.94
N ASN C 152 -16.60 -31.42 9.14
CA ASN C 152 -16.07 -31.95 10.39
C ASN C 152 -14.55 -31.80 10.54
N ALA C 153 -13.93 -31.05 9.62
CA ALA C 153 -12.49 -30.79 9.66
C ALA C 153 -12.12 -29.37 10.15
N LEU C 154 -11.34 -29.32 11.23
CA LEU C 154 -10.87 -28.08 11.88
C LEU C 154 -10.14 -27.13 10.91
N GLN C 155 -10.60 -25.89 10.84
CA GLN C 155 -10.01 -24.88 9.95
C GLN C 155 -8.89 -24.09 10.63
N SER C 156 -8.02 -23.48 9.82
CA SER C 156 -6.93 -22.66 10.32
C SER C 156 -6.49 -21.60 9.30
N GLY C 157 -6.33 -20.36 9.75
CA GLY C 157 -5.74 -19.30 8.91
C GLY C 157 -6.59 -18.65 7.82
N ASN C 158 -7.88 -18.98 7.79
CA ASN C 158 -8.81 -18.41 6.81
C ASN C 158 -10.00 -17.72 7.45
N SER C 159 -9.91 -17.49 8.75
CA SER C 159 -10.97 -16.77 9.46
C SER C 159 -10.38 -15.54 10.15
N GLN C 160 -11.22 -14.53 10.30
CA GLN C 160 -10.85 -13.30 10.99
C GLN C 160 -11.91 -12.94 12.03
N GLU C 161 -11.45 -12.46 13.18
CA GLU C 161 -12.32 -12.09 14.29
C GLU C 161 -12.35 -10.61 14.51
N SER C 162 -13.51 -10.09 14.91
CA SER C 162 -13.69 -8.69 15.29
CA SER C 162 -13.62 -8.71 15.35
C SER C 162 -14.54 -8.66 16.56
N VAL C 163 -14.18 -7.82 17.53
CA VAL C 163 -14.90 -7.73 18.82
CA VAL C 163 -14.96 -7.74 18.75
C VAL C 163 -15.40 -6.30 18.97
N THR C 164 -16.60 -6.13 19.50
CA THR C 164 -17.02 -4.76 19.81
C THR C 164 -16.44 -4.29 21.15
N GLU C 165 -16.55 -2.99 21.40
CA GLU C 165 -16.21 -2.43 22.71
CA GLU C 165 -16.23 -2.39 22.69
C GLU C 165 -17.38 -2.71 23.66
N GLN C 166 -17.14 -2.54 24.94
CA GLN C 166 -18.15 -2.82 25.94
C GLN C 166 -19.45 -2.05 25.65
N ASP C 167 -20.60 -2.75 25.56
CA ASP C 167 -21.88 -2.10 25.26
C ASP C 167 -22.29 -1.02 26.26
N SER C 168 -22.74 0.14 25.73
CA SER C 168 -23.11 1.25 26.60
C SER C 168 -24.36 0.98 27.47
N LYS C 169 -25.28 0.15 26.98
CA LYS C 169 -26.51 -0.23 27.71
C LYS C 169 -26.28 -1.40 28.68
N ASP C 170 -25.70 -2.49 28.21
CA ASP C 170 -25.70 -3.72 29.02
C ASP C 170 -24.30 -4.24 29.38
N SER C 171 -23.26 -3.50 28.99
CA SER C 171 -21.89 -3.88 29.35
C SER C 171 -21.38 -5.22 28.77
N THR C 172 -22.06 -5.77 27.77
CA THR C 172 -21.59 -7.01 27.15
C THR C 172 -20.70 -6.71 25.94
N TYR C 173 -20.12 -7.79 25.42
CA TYR C 173 -19.37 -7.77 24.17
C TYR C 173 -20.03 -8.64 23.13
N SER C 174 -19.74 -8.34 21.87
CA SER C 174 -20.10 -9.25 20.78
C SER C 174 -18.91 -9.47 19.86
N LEU C 175 -18.90 -10.60 19.14
CA LEU C 175 -17.75 -10.99 18.33
C LEU C 175 -18.27 -11.58 17.03
N SER C 176 -17.63 -11.23 15.92
CA SER C 176 -17.90 -11.88 14.67
C SER C 176 -16.67 -12.67 14.26
N SER C 177 -16.90 -13.86 13.74
CA SER C 177 -15.82 -14.61 13.15
C SER C 177 -16.25 -14.91 11.72
N THR C 178 -15.42 -14.52 10.76
CA THR C 178 -15.80 -14.61 9.37
C THR C 178 -14.84 -15.52 8.66
N LEU C 179 -15.39 -16.58 8.08
CA LEU C 179 -14.58 -17.51 7.32
C LEU C 179 -14.70 -17.11 5.86
N THR C 180 -13.56 -16.83 5.23
CA THR C 180 -13.52 -16.48 3.81
C THR C 180 -12.95 -17.62 2.96
N LEU C 181 -13.70 -17.98 1.92
CA LEU C 181 -13.28 -18.95 0.91
C LEU C 181 -13.65 -18.47 -0.48
N SER C 182 -12.94 -18.93 -1.50
CA SER C 182 -13.41 -18.78 -2.86
C SER C 182 -14.67 -19.63 -3.01
N LYS C 183 -15.53 -19.22 -3.94
CA LYS C 183 -16.74 -19.97 -4.29
C LYS C 183 -16.44 -21.43 -4.63
N ALA C 184 -15.40 -21.67 -5.42
CA ALA C 184 -14.97 -23.02 -5.78
C ALA C 184 -14.68 -23.85 -4.53
N ASP C 185 -13.89 -23.28 -3.61
CA ASP C 185 -13.57 -23.95 -2.35
C ASP C 185 -14.81 -24.15 -1.49
N TYR C 186 -15.66 -23.11 -1.42
CA TYR C 186 -16.94 -23.20 -0.73
C TYR C 186 -17.81 -24.33 -1.27
N GLU C 187 -17.88 -24.44 -2.59
CA GLU C 187 -18.76 -25.42 -3.24
C GLU C 187 -18.26 -26.86 -3.09
N LYS C 188 -17.02 -27.03 -2.63
CA LYS C 188 -16.47 -28.37 -2.43
C LYS C 188 -17.00 -29.08 -1.16
N HIS C 189 -17.53 -28.32 -0.21
CA HIS C 189 -17.90 -28.91 1.08
C HIS C 189 -19.38 -28.74 1.43
N LYS C 190 -19.88 -29.58 2.34
CA LYS C 190 -21.29 -29.55 2.71
C LYS C 190 -21.60 -28.89 4.06
N VAL C 191 -20.92 -29.36 5.11
CA VAL C 191 -21.22 -28.93 6.49
C VAL C 191 -20.28 -27.82 6.95
N TYR C 192 -20.87 -26.69 7.31
CA TYR C 192 -20.15 -25.55 7.89
C TYR C 192 -20.59 -25.32 9.33
N ALA C 193 -19.63 -25.28 10.24
CA ALA C 193 -19.94 -25.23 11.67
C ALA C 193 -19.04 -24.30 12.43
N CYS C 194 -19.68 -23.54 13.32
CA CYS C 194 -19.04 -22.67 14.27
C CYS C 194 -19.25 -23.27 15.67
N GLU C 195 -18.15 -23.60 16.36
CA GLU C 195 -18.23 -24.06 17.75
C GLU C 195 -17.62 -23.08 18.74
N VAL C 196 -18.40 -22.75 19.76
CA VAL C 196 -18.08 -21.65 20.65
C VAL C 196 -17.93 -22.14 22.10
N THR C 197 -16.85 -21.69 22.74
CA THR C 197 -16.58 -22.01 24.14
C THR C 197 -16.53 -20.71 24.91
N HIS C 198 -17.20 -20.68 26.04
CA HIS C 198 -17.21 -19.49 26.88
C HIS C 198 -17.63 -19.93 28.25
N GLN C 199 -17.02 -19.31 29.26
CA GLN C 199 -17.24 -19.75 30.62
C GLN C 199 -18.69 -19.73 31.05
N GLY C 200 -19.52 -18.87 30.43
CA GLY C 200 -20.95 -18.80 30.73
C GLY C 200 -21.77 -19.93 30.14
N LEU C 201 -21.15 -20.73 29.27
CA LEU C 201 -21.84 -21.91 28.74
C LEU C 201 -21.47 -23.18 29.51
N SER C 202 -22.46 -23.98 29.91
CA SER C 202 -22.18 -25.25 30.61
C SER C 202 -21.46 -26.27 29.70
N SER C 203 -21.63 -26.08 28.40
CA SER C 203 -21.02 -26.95 27.38
CA SER C 203 -20.97 -26.92 27.40
C SER C 203 -20.78 -26.13 26.12
N PRO C 204 -19.81 -26.53 25.27
CA PRO C 204 -19.66 -25.72 24.06
C PRO C 204 -20.91 -25.77 23.16
N VAL C 205 -21.17 -24.68 22.46
CA VAL C 205 -22.31 -24.52 21.55
CA VAL C 205 -22.31 -24.61 21.54
C VAL C 205 -21.83 -24.58 20.09
N THR C 206 -22.51 -25.35 19.25
CA THR C 206 -22.18 -25.42 17.84
C THR C 206 -23.36 -24.99 17.00
N LYS C 207 -23.12 -24.08 16.06
CA LYS C 207 -24.12 -23.76 15.06
C LYS C 207 -23.61 -24.20 13.72
N SER C 208 -24.51 -24.79 12.93
CA SER C 208 -24.13 -25.33 11.64
C SER C 208 -25.23 -25.22 10.59
N PHE C 209 -24.81 -25.34 9.34
CA PHE C 209 -25.75 -25.47 8.21
C PHE C 209 -25.14 -26.37 7.16
N ASN C 210 -26.02 -26.95 6.34
CA ASN C 210 -25.62 -27.70 5.16
C ASN C 210 -25.77 -26.78 3.93
N ARG C 211 -24.72 -26.70 3.12
CA ARG C 211 -24.71 -25.81 1.96
C ARG C 211 -25.84 -26.16 0.99
N GLY C 212 -26.62 -25.14 0.62
CA GLY C 212 -27.73 -25.32 -0.34
C GLY C 212 -29.13 -25.21 0.24
N GLU C 213 -29.28 -24.38 1.28
CA GLU C 213 -30.58 -23.94 1.80
C GLU C 213 -31.49 -25.08 2.24
N GLU D 1 32.52 0.41 -6.51
CA GLU D 1 31.83 1.54 -7.22
C GLU D 1 30.70 2.16 -6.38
N VAL D 2 30.36 3.39 -6.70
CA VAL D 2 29.32 4.12 -5.97
C VAL D 2 27.93 3.58 -6.30
N GLN D 3 27.12 3.34 -5.26
CA GLN D 3 25.73 2.92 -5.45
CA GLN D 3 25.73 2.92 -5.45
C GLN D 3 24.78 3.75 -4.60
N LEU D 4 23.53 3.87 -5.08
CA LEU D 4 22.45 4.41 -4.26
CA LEU D 4 22.45 4.42 -4.28
C LEU D 4 21.26 3.48 -4.42
N VAL D 5 20.43 3.42 -3.38
CA VAL D 5 19.24 2.55 -3.38
CA VAL D 5 19.21 2.61 -3.47
C VAL D 5 18.06 3.30 -2.76
N GLU D 6 16.94 3.43 -3.50
CA GLU D 6 15.71 4.05 -2.99
C GLU D 6 14.85 2.96 -2.37
N SER D 7 14.14 3.31 -1.29
CA SER D 7 13.19 2.42 -0.62
C SER D 7 11.88 3.16 -0.41
N GLY D 8 10.79 2.41 -0.35
CA GLY D 8 9.51 2.97 0.07
C GLY D 8 8.47 3.28 -0.98
N GLY D 9 8.75 2.96 -2.23
CA GLY D 9 7.75 3.16 -3.27
C GLY D 9 6.54 2.32 -3.01
N GLY D 10 5.42 2.68 -3.64
CA GLY D 10 4.21 1.89 -3.49
C GLY D 10 3.01 2.61 -4.06
N LEU D 11 1.85 1.99 -3.89
CA LEU D 11 0.58 2.57 -4.30
C LEU D 11 0.06 3.54 -3.25
N VAL D 12 -0.48 4.67 -3.70
CA VAL D 12 -1.05 5.69 -2.83
CA VAL D 12 -1.12 5.58 -2.78
C VAL D 12 -2.39 6.16 -3.40
N LYS D 13 -3.36 6.46 -2.54
CA LYS D 13 -4.57 7.12 -2.98
C LYS D 13 -4.30 8.62 -3.20
N ALA D 14 -5.01 9.24 -4.14
CA ALA D 14 -4.97 10.70 -4.31
C ALA D 14 -5.26 11.43 -2.98
N GLY D 15 -4.41 12.41 -2.67
CA GLY D 15 -4.48 13.16 -1.43
C GLY D 15 -3.69 12.53 -0.29
N GLY D 16 -3.15 11.32 -0.52
CA GLY D 16 -2.46 10.55 0.52
C GLY D 16 -1.00 10.96 0.64
N SER D 17 -0.28 10.25 1.51
CA SER D 17 1.11 10.55 1.80
C SER D 17 2.01 9.33 1.58
N LEU D 18 3.26 9.59 1.22
CA LEU D 18 4.23 8.51 1.02
C LEU D 18 5.61 9.11 1.28
N ILE D 19 6.42 8.36 2.01
CA ILE D 19 7.79 8.79 2.28
CA ILE D 19 7.79 8.76 2.33
C ILE D 19 8.79 7.80 1.68
N LEU D 20 9.76 8.35 0.95
CA LEU D 20 10.84 7.55 0.38
C LEU D 20 12.13 7.80 1.14
N SER D 21 13.02 6.81 1.11
CA SER D 21 14.38 6.97 1.65
C SER D 21 15.40 6.54 0.60
N CYS D 22 16.65 6.93 0.80
CA CYS D 22 17.71 6.66 -0.13
C CYS D 22 18.91 6.32 0.73
N GLY D 23 19.47 5.12 0.52
CA GLY D 23 20.71 4.72 1.19
C GLY D 23 21.84 4.61 0.18
N VAL D 24 23.07 4.58 0.65
CA VAL D 24 24.22 4.58 -0.27
C VAL D 24 25.30 3.56 0.07
N SER D 25 26.20 3.32 -0.88
CA SER D 25 27.37 2.48 -0.65
C SER D 25 28.59 3.07 -1.32
N ASN D 26 29.72 2.97 -0.62
CA ASN D 26 31.05 3.32 -1.15
C ASN D 26 31.32 4.81 -1.32
N PHE D 27 30.50 5.64 -0.67
CA PHE D 27 30.75 7.08 -0.51
C PHE D 27 29.91 7.62 0.65
N ARG D 28 30.27 8.81 1.12
CA ARG D 28 29.55 9.46 2.21
C ARG D 28 28.78 10.63 1.63
N ILE D 29 27.50 10.74 1.97
CA ILE D 29 26.65 11.81 1.42
C ILE D 29 27.03 13.22 1.89
N SER D 30 27.73 13.32 3.03
CA SER D 30 27.98 14.64 3.66
C SER D 30 28.65 15.65 2.72
N ALA D 31 29.46 15.14 1.80
CA ALA D 31 30.19 15.95 0.82
C ALA D 31 29.36 16.42 -0.38
N HIS D 32 28.14 15.90 -0.50
CA HIS D 32 27.32 16.09 -1.71
C HIS D 32 25.98 16.78 -1.47
N THR D 33 25.64 17.69 -2.39
CA THR D 33 24.25 18.03 -2.61
C THR D 33 23.51 16.79 -3.15
N MET D 34 22.36 16.49 -2.57
CA MET D 34 21.61 15.26 -2.92
C MET D 34 20.28 15.67 -3.50
N ASN D 35 19.79 14.87 -4.44
CA ASN D 35 18.65 15.23 -5.26
C ASN D 35 17.65 14.11 -5.41
N TRP D 36 16.41 14.48 -5.63
CA TRP D 36 15.35 13.56 -6.06
C TRP D 36 14.93 13.99 -7.44
N VAL D 37 14.79 13.02 -8.35
CA VAL D 37 14.37 13.26 -9.73
C VAL D 37 13.31 12.20 -10.00
N ARG D 38 12.35 12.49 -10.87
CA ARG D 38 11.37 11.44 -11.23
C ARG D 38 11.19 11.29 -12.74
N ARG D 39 10.93 10.07 -13.18
CA ARG D 39 10.63 9.81 -14.58
C ARG D 39 9.15 9.51 -14.70
N VAL D 40 8.44 10.37 -15.43
CA VAL D 40 7.00 10.22 -15.56
C VAL D 40 6.67 9.19 -16.66
N PRO D 41 5.43 8.67 -16.68
CA PRO D 41 5.10 7.62 -17.66
C PRO D 41 5.45 7.99 -19.09
N GLY D 42 5.32 9.27 -19.44
CA GLY D 42 5.61 9.71 -20.80
C GLY D 42 7.07 9.67 -21.18
N GLY D 43 7.94 9.43 -20.19
CA GLY D 43 9.35 9.21 -20.47
C GLY D 43 10.26 10.33 -20.01
N GLY D 44 9.70 11.52 -19.78
CA GLY D 44 10.57 12.64 -19.39
C GLY D 44 11.04 12.58 -17.94
N LEU D 45 12.20 13.16 -17.67
CA LEU D 45 12.65 13.40 -16.29
C LEU D 45 12.19 14.77 -15.74
N GLU D 46 11.88 14.80 -14.45
CA GLU D 46 11.52 16.05 -13.76
C GLU D 46 12.35 16.12 -12.48
N TRP D 47 13.13 17.19 -12.35
CA TRP D 47 13.79 17.48 -11.09
C TRP D 47 12.74 17.75 -10.00
N VAL D 48 12.91 17.11 -8.85
CA VAL D 48 11.93 17.19 -7.75
C VAL D 48 12.45 18.04 -6.56
N ALA D 49 13.64 17.72 -6.09
CA ALA D 49 14.17 18.39 -4.91
C ALA D 49 15.68 18.23 -4.78
N SER D 50 16.28 19.18 -4.08
CA SER D 50 17.68 19.16 -3.76
CA SER D 50 17.70 19.22 -3.79
C SER D 50 17.89 19.64 -2.34
N ILE D 51 18.91 19.08 -1.69
CA ILE D 51 19.25 19.47 -0.33
C ILE D 51 20.77 19.60 -0.29
N SER D 52 21.22 20.79 0.11
CA SER D 52 22.65 21.09 0.18
C SER D 52 23.35 20.43 1.37
N THR D 53 24.67 20.48 1.36
CA THR D 53 25.43 20.03 2.52
C THR D 53 24.92 20.79 3.74
N SER D 54 24.88 20.09 4.89
CA SER D 54 24.44 20.65 6.18
C SER D 54 22.97 21.07 6.18
N SER D 55 22.24 20.68 5.13
CA SER D 55 20.83 21.04 4.93
C SER D 55 20.63 22.56 4.90
N THR D 56 21.67 23.29 4.50
CA THR D 56 21.64 24.75 4.53
C THR D 56 20.57 25.31 3.60
N TYR D 57 20.39 24.65 2.44
CA TYR D 57 19.41 25.06 1.44
C TYR D 57 18.64 23.84 0.96
N ARG D 58 17.32 23.96 0.89
CA ARG D 58 16.47 22.92 0.30
C ARG D 58 15.66 23.59 -0.79
N ASP D 59 15.62 22.99 -1.98
CA ASP D 59 14.95 23.57 -3.12
C ASP D 59 14.00 22.55 -3.73
N TYR D 60 12.88 23.01 -4.28
CA TYR D 60 11.84 22.11 -4.79
C TYR D 60 11.36 22.61 -6.13
N ALA D 61 10.95 21.68 -6.99
CA ALA D 61 10.19 22.08 -8.18
C ALA D 61 8.90 22.80 -7.76
N ASP D 62 8.50 23.81 -8.53
CA ASP D 62 7.26 24.51 -8.26
C ASP D 62 6.05 23.60 -8.06
N ALA D 63 5.98 22.51 -8.84
CA ALA D 63 4.83 21.58 -8.78
C ALA D 63 4.68 20.83 -7.45
N VAL D 64 5.74 20.80 -6.64
CA VAL D 64 5.71 20.04 -5.41
C VAL D 64 5.96 20.89 -4.17
N LYS D 65 6.34 22.16 -4.38
CA LYS D 65 6.68 23.06 -3.26
C LYS D 65 5.47 23.15 -2.31
N GLY D 66 5.73 23.03 -1.01
CA GLY D 66 4.67 23.07 0.01
C GLY D 66 4.01 21.73 0.31
N ARG D 67 4.30 20.72 -0.52
CA ARG D 67 3.72 19.38 -0.40
C ARG D 67 4.78 18.33 -0.12
N PHE D 68 6.01 18.58 -0.57
CA PHE D 68 7.10 17.63 -0.43
C PHE D 68 8.11 18.24 0.53
N THR D 69 8.82 17.39 1.26
CA THR D 69 9.96 17.77 2.10
C THR D 69 11.13 16.86 1.81
N VAL D 70 12.31 17.44 1.60
CA VAL D 70 13.50 16.62 1.55
C VAL D 70 14.32 16.83 2.82
N SER D 71 14.87 15.72 3.35
CA SER D 71 15.71 15.75 4.58
C SER D 71 16.93 14.89 4.36
N ARG D 72 18.00 15.18 5.08
CA ARG D 72 19.18 14.31 5.00
C ARG D 72 19.65 13.85 6.39
N ASP D 73 20.34 12.70 6.40
CA ASP D 73 20.90 12.11 7.61
C ASP D 73 22.37 11.82 7.29
N ASP D 74 23.24 12.78 7.60
CA ASP D 74 24.67 12.69 7.27
C ASP D 74 25.44 11.64 8.03
N LEU D 75 25.03 11.41 9.27
CA LEU D 75 25.71 10.46 10.14
C LEU D 75 25.55 9.01 9.71
N GLU D 76 24.35 8.66 9.20
N GLU D 76 24.36 8.66 9.19
CA GLU D 76 24.08 7.28 8.74
CA GLU D 76 24.13 7.28 8.73
C GLU D 76 23.87 7.15 7.22
C GLU D 76 23.80 7.17 7.23
N ASP D 77 24.00 8.28 6.52
CA ASP D 77 23.96 8.32 5.05
C ASP D 77 22.62 7.97 4.41
N PHE D 78 21.60 8.72 4.81
CA PHE D 78 20.26 8.57 4.21
C PHE D 78 19.72 9.89 3.70
N VAL D 79 18.90 9.85 2.63
CA VAL D 79 18.15 11.04 2.21
C VAL D 79 16.70 10.58 2.25
N TYR D 80 15.77 11.48 2.61
CA TYR D 80 14.34 11.19 2.67
C TYR D 80 13.60 12.14 1.75
N LEU D 81 12.46 11.68 1.26
CA LEU D 81 11.53 12.55 0.58
C LEU D 81 10.13 12.23 1.11
N GLN D 82 9.55 13.20 1.82
CA GLN D 82 8.13 13.15 2.22
C GLN D 82 7.30 13.70 1.10
N MET D 83 6.26 12.97 0.73
CA MET D 83 5.31 13.45 -0.27
C MET D 83 3.91 13.42 0.32
N HIS D 84 3.26 14.59 0.33
CA HIS D 84 1.93 14.75 0.89
C HIS D 84 0.95 15.29 -0.15
N LYS D 85 -0.33 15.13 0.13
CA LYS D 85 -1.39 15.62 -0.75
C LYS D 85 -1.13 15.20 -2.18
N MET D 86 -0.74 13.94 -2.34
CA MET D 86 -0.28 13.44 -3.64
CA MET D 86 -0.27 13.44 -3.63
C MET D 86 -1.35 13.46 -4.73
N ARG D 87 -0.89 13.69 -5.96
CA ARG D 87 -1.77 13.89 -7.10
C ARG D 87 -1.44 12.81 -8.10
N VAL D 88 -2.40 12.46 -8.95
CA VAL D 88 -2.14 11.54 -10.04
C VAL D 88 -0.84 11.83 -10.83
N GLU D 89 -0.57 13.10 -11.10
CA GLU D 89 0.66 13.48 -11.84
C GLU D 89 1.98 13.33 -11.06
N ASP D 90 1.91 12.89 -9.80
CA ASP D 90 3.15 12.51 -9.05
C ASP D 90 3.50 11.05 -9.35
N THR D 91 2.65 10.34 -10.07
CA THR D 91 2.96 8.96 -10.51
C THR D 91 4.24 8.99 -11.37
N ALA D 92 5.25 8.21 -10.94
CA ALA D 92 6.55 8.23 -11.61
C ALA D 92 7.49 7.23 -10.95
N ILE D 93 8.64 7.02 -11.59
CA ILE D 93 9.76 6.35 -10.97
C ILE D 93 10.59 7.42 -10.30
N TYR D 94 10.84 7.26 -8.99
CA TYR D 94 11.64 8.23 -8.24
C TYR D 94 13.07 7.74 -8.02
N TYR D 95 14.04 8.60 -8.36
CA TYR D 95 15.46 8.29 -8.19
C TYR D 95 16.06 9.25 -7.21
N CYS D 96 16.95 8.75 -6.36
CA CYS D 96 17.85 9.67 -5.68
C CYS D 96 19.14 9.78 -6.49
N ALA D 97 19.66 11.00 -6.59
CA ALA D 97 20.83 11.29 -7.44
C ALA D 97 21.78 12.17 -6.68
N ARG D 98 23.05 11.87 -6.82
CA ARG D 98 24.10 12.65 -6.22
C ARG D 98 24.58 13.67 -7.23
N LYS D 99 24.79 14.91 -6.80
CA LYS D 99 25.50 15.90 -7.61
C LYS D 99 26.98 15.69 -7.29
N GLY D 100 27.77 15.42 -8.31
CA GLY D 100 29.19 15.17 -8.08
C GLY D 100 29.99 15.05 -9.36
N SER D 101 31.30 15.01 -9.19
CA SER D 101 32.19 14.82 -10.31
C SER D 101 33.42 14.09 -9.80
N ASP D 102 34.27 13.67 -10.73
CA ASP D 102 35.63 13.24 -10.42
C ASP D 102 36.37 14.36 -9.68
N ARG D 103 36.07 15.59 -10.05
CA ARG D 103 36.72 16.76 -9.48
C ARG D 103 35.62 17.63 -8.91
N LEU D 104 35.26 17.39 -7.65
CA LEU D 104 34.16 18.10 -6.98
C LEU D 104 34.36 19.61 -7.04
N SER D 105 33.35 20.30 -7.56
CA SER D 105 33.41 21.74 -7.81
C SER D 105 32.13 22.40 -7.31
N ASP D 106 32.03 23.70 -7.55
CA ASP D 106 30.85 24.49 -7.15
C ASP D 106 29.57 24.16 -7.93
N ASN D 107 29.71 23.46 -9.07
CA ASN D 107 28.56 23.09 -9.88
C ASN D 107 28.87 21.86 -10.74
N ASP D 108 28.41 20.70 -10.26
CA ASP D 108 28.65 19.40 -10.92
C ASP D 108 27.36 18.78 -11.43
N PRO D 109 27.47 17.90 -12.46
CA PRO D 109 26.27 17.22 -12.94
C PRO D 109 25.83 16.10 -11.98
N PHE D 110 24.87 15.27 -12.37
CA PHE D 110 24.39 14.19 -11.50
C PHE D 110 25.12 12.91 -11.89
N ASP D 111 26.19 12.57 -11.17
CA ASP D 111 27.08 11.51 -11.64
C ASP D 111 26.72 10.12 -11.15
N ALA D 112 25.80 10.03 -10.18
CA ALA D 112 25.43 8.72 -9.63
C ALA D 112 23.95 8.68 -9.29
N TRP D 113 23.27 7.63 -9.76
CA TRP D 113 21.82 7.52 -9.65
C TRP D 113 21.44 6.19 -9.04
N GLY D 114 20.44 6.19 -8.17
CA GLY D 114 19.82 4.93 -7.76
C GLY D 114 19.00 4.33 -8.93
N PRO D 115 18.60 3.05 -8.79
CA PRO D 115 17.84 2.41 -9.86
C PRO D 115 16.37 2.87 -9.96
N GLY D 116 15.86 3.52 -8.93
CA GLY D 116 14.49 4.04 -8.99
C GLY D 116 13.49 3.25 -8.17
N THR D 117 12.56 3.98 -7.54
CA THR D 117 11.44 3.32 -6.88
C THR D 117 10.10 3.78 -7.51
N VAL D 118 9.24 2.82 -7.82
CA VAL D 118 7.94 3.12 -8.44
C VAL D 118 6.89 3.65 -7.45
N VAL D 119 6.34 4.82 -7.77
CA VAL D 119 5.30 5.44 -6.96
C VAL D 119 4.07 5.64 -7.84
N THR D 120 2.94 5.08 -7.40
CA THR D 120 1.71 5.10 -8.19
C THR D 120 0.59 5.77 -7.38
N VAL D 121 0.09 6.90 -7.88
CA VAL D 121 -1.01 7.57 -7.23
C VAL D 121 -2.30 7.26 -8.01
N SER D 122 -3.29 6.67 -7.34
CA SER D 122 -4.58 6.38 -7.98
CA SER D 122 -4.59 6.36 -7.97
C SER D 122 -5.68 7.34 -7.50
N PRO D 123 -6.59 7.75 -8.42
CA PRO D 123 -7.70 8.59 -7.90
C PRO D 123 -8.67 7.71 -7.09
N ALA D 124 -8.68 6.44 -7.51
CA ALA D 124 -9.41 5.33 -6.91
C ALA D 124 -8.95 4.05 -7.66
N SER D 125 -8.41 3.05 -6.94
CA SER D 125 -8.17 3.17 -5.49
C SER D 125 -6.95 2.38 -5.06
N LYS D 127 -16.40 3.09 -6.66
CA LYS D 127 -17.00 1.76 -6.58
C LYS D 127 -17.80 1.60 -5.30
N GLY D 128 -17.11 1.77 -4.15
CA GLY D 128 -17.70 1.58 -2.81
C GLY D 128 -17.74 0.12 -2.36
N PRO D 129 -18.24 -0.12 -1.13
CA PRO D 129 -18.34 -1.51 -0.66
C PRO D 129 -19.45 -2.27 -1.37
N SER D 130 -19.27 -3.58 -1.47
CA SER D 130 -20.38 -4.47 -1.82
C SER D 130 -21.15 -4.68 -0.52
N VAL D 131 -22.47 -4.70 -0.59
CA VAL D 131 -23.23 -4.92 0.64
C VAL D 131 -24.10 -6.13 0.45
N PHE D 132 -23.88 -7.11 1.29
CA PHE D 132 -24.58 -8.38 1.18
C PHE D 132 -25.45 -8.64 2.42
N PRO D 133 -26.64 -9.22 2.21
CA PRO D 133 -27.50 -9.48 3.36
C PRO D 133 -27.02 -10.65 4.19
N LEU D 134 -27.18 -10.55 5.50
CA LEU D 134 -27.02 -11.70 6.39
C LEU D 134 -28.45 -12.08 6.84
N ALA D 135 -29.07 -13.03 6.16
CA ALA D 135 -30.51 -13.31 6.33
C ALA D 135 -30.87 -13.87 7.72
N PRO D 136 -32.02 -13.46 8.29
CA PRO D 136 -32.41 -14.01 9.62
C PRO D 136 -32.49 -15.54 9.70
N GLY D 144 -38.06 -17.19 20.47
CA GLY D 144 -36.63 -16.90 20.65
C GLY D 144 -36.20 -15.66 19.89
N THR D 145 -34.89 -15.46 19.82
CA THR D 145 -34.37 -14.28 19.16
CA THR D 145 -34.30 -14.28 19.17
C THR D 145 -33.80 -14.61 17.77
N ALA D 146 -34.01 -13.69 16.84
CA ALA D 146 -33.45 -13.82 15.49
C ALA D 146 -32.35 -12.79 15.27
N ALA D 147 -31.33 -13.15 14.51
CA ALA D 147 -30.29 -12.19 14.16
C ALA D 147 -30.24 -12.02 12.65
N LEU D 148 -30.04 -10.78 12.21
CA LEU D 148 -29.89 -10.49 10.80
C LEU D 148 -28.80 -9.44 10.65
N GLY D 149 -28.34 -9.18 9.44
CA GLY D 149 -27.27 -8.20 9.34
C GLY D 149 -26.95 -7.84 7.91
N CYS D 150 -25.87 -7.09 7.76
CA CYS D 150 -25.29 -6.77 6.46
C CYS D 150 -23.79 -6.96 6.51
N LEU D 151 -23.26 -7.69 5.54
CA LEU D 151 -21.81 -7.78 5.37
C LEU D 151 -21.37 -6.69 4.40
N VAL D 152 -20.47 -5.81 4.86
CA VAL D 152 -20.06 -4.64 4.09
C VAL D 152 -18.60 -4.93 3.68
N LYS D 153 -18.42 -5.33 2.43
CA LYS D 153 -17.19 -5.98 2.00
C LYS D 153 -16.45 -5.21 0.91
N ASP D 154 -15.13 -5.19 1.03
CA ASP D 154 -14.21 -4.77 -0.03
C ASP D 154 -14.30 -3.28 -0.35
N TYR D 155 -13.98 -2.45 0.63
CA TYR D 155 -13.94 -1.01 0.40
C TYR D 155 -12.60 -0.46 0.88
N PHE D 156 -12.24 0.72 0.38
CA PHE D 156 -11.01 1.41 0.80
C PHE D 156 -11.12 2.88 0.40
N PRO D 157 -10.71 3.82 1.28
CA PRO D 157 -10.25 3.62 2.66
C PRO D 157 -11.40 3.60 3.67
N GLU D 158 -11.05 3.52 4.95
CA GLU D 158 -12.01 3.76 6.01
C GLU D 158 -12.40 5.24 6.01
N PRO D 159 -13.59 5.57 6.56
CA PRO D 159 -14.51 4.63 7.16
C PRO D 159 -15.76 4.39 6.30
N VAL D 160 -16.57 3.40 6.68
CA VAL D 160 -17.97 3.42 6.28
C VAL D 160 -18.80 3.82 7.50
N THR D 161 -20.03 4.27 7.22
CA THR D 161 -21.02 4.56 8.24
C THR D 161 -22.15 3.60 7.94
N VAL D 162 -22.52 2.78 8.91
CA VAL D 162 -23.67 1.88 8.73
C VAL D 162 -24.78 2.34 9.64
N SER D 163 -26.16 2.37 9.11
CA SER D 163 -27.28 2.58 10.02
C SER D 163 -28.30 1.58 9.59
N TRP D 164 -29.37 1.48 10.39
CA TRP D 164 -30.49 0.60 10.13
C TRP D 164 -31.75 1.43 10.23
N ASN D 165 -32.65 1.27 8.94
CA ASN D 165 -33.79 2.15 8.80
C ASN D 165 -33.43 3.62 9.08
N SER D 166 -32.33 4.06 8.45
CA SER D 166 -31.90 5.46 8.45
CA SER D 166 -31.88 5.46 8.45
C SER D 166 -31.58 6.00 9.85
N GLY D 167 -31.21 5.11 10.76
CA GLY D 167 -30.78 5.53 12.08
C GLY D 167 -31.82 5.37 13.15
N ALA D 168 -33.06 5.02 12.77
CA ALA D 168 -34.14 4.88 13.74
C ALA D 168 -34.04 3.61 14.54
N LEU D 169 -33.45 2.60 13.93
CA LEU D 169 -33.22 1.31 14.60
C LEU D 169 -31.85 1.31 15.24
N THR D 170 -31.82 1.40 16.56
CA THR D 170 -30.54 1.43 17.28
C THR D 170 -30.45 0.31 18.29
N SER D 171 -31.60 -0.12 18.81
CA SER D 171 -31.68 -1.19 19.79
CA SER D 171 -31.64 -1.19 19.80
C SER D 171 -31.21 -2.49 19.18
N GLY D 172 -30.36 -3.23 19.89
CA GLY D 172 -29.96 -4.56 19.43
C GLY D 172 -28.82 -4.48 18.43
N VAL D 173 -28.36 -3.23 17.77
CA VAL D 173 -27.43 -3.13 16.62
C VAL D 173 -26.00 -3.26 17.16
N HIS D 174 -25.17 -4.03 16.46
CA HIS D 174 -23.72 -4.06 16.71
C HIS D 174 -23.06 -3.93 15.38
N THR D 175 -22.19 -2.93 15.24
CA THR D 175 -21.45 -2.78 14.00
C THR D 175 -19.99 -3.00 14.34
N PHE D 176 -19.40 -4.06 13.78
CA PHE D 176 -18.06 -4.49 14.16
C PHE D 176 -16.97 -3.62 13.58
N PRO D 177 -15.84 -3.51 14.29
CA PRO D 177 -14.67 -2.85 13.71
C PRO D 177 -14.28 -3.49 12.37
N ALA D 178 -13.94 -2.67 11.38
CA ALA D 178 -13.43 -3.15 10.11
C ALA D 178 -12.12 -3.93 10.28
N VAL D 179 -11.97 -4.98 9.47
CA VAL D 179 -10.71 -5.73 9.38
C VAL D 179 -10.09 -5.55 7.99
N LEU D 180 -8.78 -5.38 7.94
CA LEU D 180 -8.08 -5.21 6.68
C LEU D 180 -7.68 -6.58 6.14
N GLN D 181 -8.17 -6.89 4.97
CA GLN D 181 -7.91 -8.13 4.34
C GLN D 181 -6.61 -8.09 3.55
N SER D 182 -6.07 -9.25 3.29
CA SER D 182 -4.80 -9.34 2.59
C SER D 182 -4.81 -8.56 1.29
N SER D 183 -5.99 -8.40 0.69
CA SER D 183 -6.20 -7.66 -0.53
C SER D 183 -6.04 -6.18 -0.40
N GLY D 184 -5.95 -5.69 0.80
CA GLY D 184 -5.86 -4.26 0.99
C GLY D 184 -7.17 -3.56 1.03
N LEU D 185 -8.23 -4.34 1.02
CA LEU D 185 -9.59 -3.81 1.19
C LEU D 185 -10.15 -4.19 2.55
N TYR D 186 -10.97 -3.29 3.10
CA TYR D 186 -11.60 -3.50 4.40
C TYR D 186 -12.89 -4.28 4.27
N SER D 187 -13.31 -4.87 5.39
CA SER D 187 -14.61 -5.54 5.48
C SER D 187 -15.11 -5.49 6.93
N LEU D 188 -16.43 -5.45 7.09
CA LEU D 188 -17.03 -5.50 8.42
C LEU D 188 -18.43 -6.04 8.27
N SER D 189 -19.03 -6.49 9.38
CA SER D 189 -20.47 -6.82 9.35
C SER D 189 -21.16 -5.93 10.39
N SER D 190 -22.45 -5.70 10.15
CA SER D 190 -23.28 -5.02 11.12
C SER D 190 -24.45 -5.93 11.32
N VAL D 191 -24.81 -6.16 12.58
CA VAL D 191 -25.90 -7.07 12.87
C VAL D 191 -26.97 -6.43 13.77
N VAL D 192 -28.15 -7.02 13.76
CA VAL D 192 -29.19 -6.60 14.71
C VAL D 192 -29.99 -7.83 15.15
N THR D 193 -30.43 -7.84 16.40
CA THR D 193 -31.29 -8.91 16.87
C THR D 193 -32.67 -8.39 17.20
N VAL D 194 -33.66 -9.20 16.82
CA VAL D 194 -35.08 -8.92 17.10
C VAL D 194 -35.80 -10.23 17.49
N PRO D 195 -36.99 -10.15 18.10
CA PRO D 195 -37.68 -11.44 18.37
C PRO D 195 -38.05 -12.17 17.07
N SER D 196 -37.90 -13.49 17.06
CA SER D 196 -38.24 -14.26 15.89
C SER D 196 -39.69 -13.97 15.50
N SER D 197 -40.53 -13.84 16.52
CA SER D 197 -42.00 -13.73 16.30
C SER D 197 -42.36 -12.41 15.60
N SER D 198 -41.42 -11.47 15.60
CA SER D 198 -41.66 -10.15 15.01
C SER D 198 -41.24 -10.08 13.56
N LEU D 199 -40.49 -11.08 13.07
CA LEU D 199 -40.07 -11.09 11.66
C LEU D 199 -41.28 -11.04 10.73
N GLY D 200 -41.24 -10.14 9.74
CA GLY D 200 -42.40 -9.93 8.87
C GLY D 200 -43.36 -8.83 9.31
N THR D 201 -43.09 -8.19 10.45
CA THR D 201 -43.89 -7.06 10.86
C THR D 201 -43.16 -5.76 10.73
N GLN D 202 -41.88 -5.81 10.41
CA GLN D 202 -41.11 -4.63 10.12
C GLN D 202 -40.02 -4.99 9.13
N THR D 203 -39.81 -4.18 8.10
CA THR D 203 -38.79 -4.12 7.08
CA THR D 203 -38.80 -4.05 7.05
C THR D 203 -37.52 -3.80 8.01
N TYR D 204 -36.42 -4.29 7.47
CA TYR D 204 -35.09 -3.91 7.90
C TYR D 204 -34.17 -3.61 6.71
N ILE D 205 -33.65 -2.40 6.69
CA ILE D 205 -32.79 -1.93 5.62
C ILE D 205 -31.50 -1.43 6.26
N CYS D 206 -30.37 -1.97 5.82
CA CYS D 206 -29.13 -1.40 6.33
C CYS D 206 -28.68 -0.33 5.33
N ASN D 207 -28.27 0.82 5.85
CA ASN D 207 -27.78 1.93 5.01
C ASN D 207 -26.30 2.07 5.17
N VAL D 208 -25.59 1.97 4.05
CA VAL D 208 -24.14 1.95 4.09
C VAL D 208 -23.61 3.11 3.26
N ASN D 209 -22.95 4.03 3.95
CA ASN D 209 -22.38 5.23 3.33
CA ASN D 209 -22.38 5.24 3.31
C ASN D 209 -20.86 5.17 3.32
N HIS D 210 -20.26 5.43 2.16
CA HIS D 210 -18.82 5.45 2.00
C HIS D 210 -18.40 6.75 1.29
N LYS D 211 -18.08 7.73 2.09
CA LYS D 211 -17.73 9.06 1.61
C LYS D 211 -16.59 9.11 0.56
N PRO D 212 -15.47 8.39 0.81
CA PRO D 212 -14.37 8.50 -0.17
C PRO D 212 -14.77 8.09 -1.60
N SER D 213 -15.71 7.14 -1.73
CA SER D 213 -16.23 6.74 -3.04
C SER D 213 -17.56 7.43 -3.42
N ASN D 214 -18.07 8.30 -2.56
CA ASN D 214 -19.35 8.97 -2.77
C ASN D 214 -20.53 8.01 -3.05
N THR D 215 -20.58 6.90 -2.32
CA THR D 215 -21.66 5.91 -2.53
C THR D 215 -22.52 5.78 -1.28
N LYS D 216 -23.82 5.57 -1.49
CA LYS D 216 -24.75 5.20 -0.43
C LYS D 216 -25.51 3.99 -0.94
N VAL D 217 -25.50 2.90 -0.19
CA VAL D 217 -26.21 1.67 -0.54
C VAL D 217 -27.26 1.39 0.55
N ASP D 218 -28.50 1.12 0.15
CA ASP D 218 -29.51 0.63 1.08
C ASP D 218 -29.86 -0.80 0.69
N LYS D 219 -29.67 -1.73 1.60
CA LYS D 219 -29.92 -3.13 1.31
C LYS D 219 -31.02 -3.62 2.21
N LYS D 220 -32.09 -4.07 1.58
CA LYS D 220 -33.17 -4.69 2.32
C LYS D 220 -32.71 -6.10 2.66
N VAL D 221 -32.90 -6.54 4.15
CA VAL D 221 -32.49 -7.86 4.61
C VAL D 221 -33.77 -8.62 4.90
N GLU D 222 -33.94 -9.71 4.16
CA GLU D 222 -35.12 -10.55 4.22
C GLU D 222 -34.70 -12.00 4.49
#